data_1BI8
#
_entry.id   1BI8
#
_cell.length_a   96.860
_cell.length_b   116.060
_cell.length_c   131.490
_cell.angle_alpha   90.00
_cell.angle_beta   110.63
_cell.angle_gamma   90.00
#
_symmetry.space_group_name_H-M   'C 1 2 1'
#
loop_
_entity.id
_entity.type
_entity.pdbx_description
1 polymer 'CYCLIN-DEPENDENT KINASE 6'
2 polymer 'CYCLIN-DEPENDENT KINASE INHIBITOR'
#
loop_
_entity_poly.entity_id
_entity_poly.type
_entity_poly.pdbx_seq_one_letter_code
_entity_poly.pdbx_strand_id
1 'polypeptide(L)'
;MEKDGLCRADQQYECVAEIGEGAYGKVFKARDLKNGGRFVALKRVRVQTGEEGMPLSTIREVAVLRHLETFEHPNVVRLF
DVCTVSRTDRETKLTLVFEHVDQDLTTYLDKVPEPGVPTETIKDMMFQLLRGLDFLHSHRVVHRDLKPQNILVTSSGQIK
LADFGLARIYSFQMALTSVVVTLWYRAPEVLLQSSYATPVDLWSVGCIFAEMFRRKPLFRGSSDVDQLGKILDVIGLPGE
EDWPRDVALPRQAFHSKSAQPIEKFVTDIDELGKDLLLKCLTFNPAKRISAYSALSHPYFQDLERCKENLDSHLPPSQNT
SELNTA
;
A,C
2 'polypeptide(L)'
;MLLEEVRAGDRLSGAAARGDVQEVRRLLHRELVHPDALNRFGKTALQVMMFGSTAIALELLKQGASPNVQDTSGTSPVHD
AARTGFLDTLKVLVEHGADVNVPDGTGALPIHLAVQEGHTAVVSFLAAESDLHRRDARGLTPLELALQRGAQDLVDILQG
HMVAPL
;
B,D
#
# COMPACT_ATOMS: atom_id res chain seq x y z
N GLN A 11 11.30 -27.02 -5.39
CA GLN A 11 11.40 -25.56 -5.68
C GLN A 11 12.10 -24.87 -4.49
N GLN A 12 11.60 -23.71 -4.06
CA GLN A 12 12.21 -23.01 -2.94
C GLN A 12 11.44 -23.17 -1.62
N TYR A 13 10.54 -24.15 -1.59
CA TYR A 13 9.70 -24.47 -0.42
C TYR A 13 9.46 -25.98 -0.46
N GLU A 14 9.25 -26.63 0.68
CA GLU A 14 8.98 -28.08 0.66
C GLU A 14 7.77 -28.49 1.55
N CYS A 15 6.65 -28.81 0.91
CA CYS A 15 5.43 -29.23 1.62
C CYS A 15 5.77 -30.34 2.55
N VAL A 16 5.14 -30.34 3.69
CA VAL A 16 5.42 -31.38 4.61
C VAL A 16 4.12 -31.94 5.09
N ALA A 17 3.02 -31.19 4.90
CA ALA A 17 1.68 -31.65 5.32
C ALA A 17 0.49 -30.75 5.04
N GLU A 18 -0.70 -31.36 4.89
CA GLU A 18 -1.92 -30.59 4.71
C GLU A 18 -2.26 -30.29 6.16
N ILE A 19 -2.23 -29.01 6.50
CA ILE A 19 -2.58 -28.64 7.85
C ILE A 19 -4.00 -29.07 7.98
N GLY A 20 -4.74 -28.78 6.91
CA GLY A 20 -6.14 -29.12 6.84
C GLY A 20 -6.78 -28.55 5.59
N GLU A 21 -8.10 -28.73 5.50
CA GLU A 21 -8.95 -28.28 4.38
C GLU A 21 -10.21 -27.54 4.85
N GLY A 22 -10.51 -26.36 4.28
CA GLY A 22 -11.68 -25.63 4.72
C GLY A 22 -12.17 -24.59 3.76
N ALA A 23 -12.67 -23.48 4.31
CA ALA A 23 -13.21 -22.36 3.54
C ALA A 23 -12.25 -21.98 2.44
N TYR A 24 -10.98 -21.92 2.75
CA TYR A 24 -10.01 -21.66 1.69
C TYR A 24 -9.46 -23.05 1.59
N GLY A 25 -9.43 -23.52 0.35
CA GLY A 25 -8.98 -24.87 0.01
C GLY A 25 -8.34 -25.71 1.08
N LYS A 26 -7.17 -26.23 0.78
CA LYS A 26 -6.49 -27.00 1.77
C LYS A 26 -5.36 -26.09 2.17
N VAL A 27 -4.92 -26.15 3.42
CA VAL A 27 -3.78 -25.34 3.74
C VAL A 27 -2.69 -26.29 4.20
N PHE A 28 -1.44 -25.98 3.80
CA PHE A 28 -0.27 -26.77 4.09
C PHE A 28 0.81 -26.08 4.84
N LYS A 29 1.63 -26.92 5.44
CA LYS A 29 2.77 -26.52 6.23
C LYS A 29 3.89 -26.91 5.31
N ALA A 30 4.87 -26.02 5.17
CA ALA A 30 6.01 -26.24 4.31
C ALA A 30 7.23 -25.64 4.98
N ARG A 31 8.40 -25.89 4.37
CA ARG A 31 9.71 -25.40 4.80
C ARG A 31 10.20 -24.28 3.92
N ASP A 32 10.67 -23.20 4.53
CA ASP A 32 11.14 -22.09 3.72
C ASP A 32 12.61 -22.24 3.52
N LEU A 33 12.98 -23.31 2.82
CA LEU A 33 14.39 -23.53 2.57
C LEU A 33 14.91 -22.44 1.66
N LYS A 34 14.00 -21.84 0.90
CA LYS A 34 14.28 -20.72 -0.05
C LYS A 34 15.44 -19.89 0.51
N ASN A 35 15.40 -19.70 1.82
CA ASN A 35 16.44 -19.02 2.55
C ASN A 35 16.88 -20.05 3.57
N GLY A 36 15.92 -20.71 4.23
CA GLY A 36 16.30 -21.71 5.21
C GLY A 36 15.49 -21.88 6.48
N GLY A 37 15.14 -23.15 6.72
CA GLY A 37 14.37 -23.54 7.89
C GLY A 37 12.88 -23.25 7.90
N ARG A 38 12.54 -22.27 8.73
CA ARG A 38 11.19 -21.78 8.96
C ARG A 38 10.00 -22.42 8.26
N PHE A 39 9.06 -22.89 9.08
CA PHE A 39 7.83 -23.50 8.59
C PHE A 39 7.04 -22.37 7.94
N VAL A 40 6.20 -22.72 6.99
CA VAL A 40 5.44 -21.70 6.28
C VAL A 40 4.08 -22.29 5.88
N ALA A 41 3.11 -21.45 5.53
CA ALA A 41 1.81 -22.00 5.15
C ALA A 41 1.45 -21.67 3.71
N LEU A 42 0.99 -22.70 3.00
CA LEU A 42 0.59 -22.59 1.60
C LEU A 42 -0.89 -22.71 1.42
N LYS A 43 -1.47 -21.65 0.86
CA LYS A 43 -2.89 -21.56 0.55
C LYS A 43 -2.94 -21.45 -1.00
N ARG A 44 -3.33 -22.56 -1.64
CA ARG A 44 -3.46 -22.72 -3.11
C ARG A 44 -4.62 -21.82 -3.64
N VAL A 45 -4.40 -21.02 -4.67
CA VAL A 45 -5.47 -20.15 -5.20
C VAL A 45 -5.58 -19.97 -6.71
N ARG A 46 -6.76 -20.29 -7.22
CA ARG A 46 -7.05 -20.18 -8.65
C ARG A 46 -7.89 -18.91 -8.81
N VAL A 47 -7.65 -18.15 -9.89
CA VAL A 47 -8.42 -16.91 -10.13
C VAL A 47 -9.30 -16.98 -11.38
N GLN A 48 -8.75 -17.48 -12.48
CA GLN A 48 -9.48 -17.59 -13.74
C GLN A 48 -8.67 -18.44 -14.76
N GLU A 72 2.37 -3.22 6.28
CA GLU A 72 3.03 -4.24 7.09
C GLU A 72 2.60 -4.18 8.57
N HIS A 73 2.39 -5.35 9.15
CA HIS A 73 2.05 -5.37 10.54
C HIS A 73 2.55 -6.51 11.40
N PRO A 74 3.24 -6.18 12.50
CA PRO A 74 3.77 -7.20 13.38
C PRO A 74 2.75 -8.21 13.89
N ASN A 75 1.52 -7.78 14.04
CA ASN A 75 0.51 -8.69 14.56
C ASN A 75 -0.38 -9.32 13.50
N VAL A 76 0.16 -9.48 12.33
CA VAL A 76 -0.62 -10.10 11.30
C VAL A 76 0.38 -10.88 10.50
N VAL A 77 -0.06 -12.08 10.19
CA VAL A 77 0.69 -13.00 9.42
C VAL A 77 0.99 -12.29 8.07
N ARG A 78 2.25 -12.29 7.69
CA ARG A 78 2.70 -11.65 6.47
C ARG A 78 2.58 -12.55 5.28
N LEU A 79 2.21 -11.98 4.14
CA LEU A 79 2.17 -12.82 2.96
C LEU A 79 3.61 -12.74 2.54
N PHE A 80 4.20 -13.90 2.27
CA PHE A 80 5.60 -13.96 1.85
C PHE A 80 5.82 -14.10 0.37
N ASP A 81 4.98 -14.87 -0.30
CA ASP A 81 5.19 -15.12 -1.71
C ASP A 81 3.93 -15.44 -2.45
N VAL A 82 4.03 -15.36 -3.77
CA VAL A 82 2.90 -15.63 -4.62
C VAL A 82 3.40 -16.48 -5.77
N CYS A 83 3.62 -17.77 -5.54
CA CYS A 83 4.10 -18.63 -6.62
C CYS A 83 3.01 -18.85 -7.68
N THR A 84 3.39 -18.76 -8.95
CA THR A 84 2.44 -18.98 -10.05
C THR A 84 2.58 -20.46 -10.42
N VAL A 85 1.56 -21.27 -10.16
CA VAL A 85 1.63 -22.72 -10.45
C VAL A 85 1.20 -23.09 -11.89
N SER A 86 0.68 -22.11 -12.60
CA SER A 86 0.29 -22.31 -13.98
C SER A 86 0.13 -20.91 -14.49
N ARG A 87 0.69 -20.66 -15.67
CA ARG A 87 0.55 -19.37 -16.31
C ARG A 87 -0.82 -19.48 -16.99
N THR A 92 -5.35 -18.63 -13.96
CA THR A 92 -4.09 -18.55 -13.19
C THR A 92 -4.20 -19.21 -11.82
N LYS A 93 -3.17 -19.98 -11.50
CA LYS A 93 -3.04 -20.66 -10.22
C LYS A 93 -1.93 -19.93 -9.50
N LEU A 94 -2.19 -19.62 -8.25
CA LEU A 94 -1.23 -18.95 -7.41
C LEU A 94 -1.09 -19.86 -6.22
N THR A 95 -0.06 -19.59 -5.43
CA THR A 95 0.18 -20.34 -4.23
C THR A 95 0.73 -19.27 -3.36
N LEU A 96 -0.03 -18.96 -2.34
CA LEU A 96 0.40 -17.92 -1.45
C LEU A 96 1.17 -18.60 -0.36
N VAL A 97 2.30 -17.99 -0.01
CA VAL A 97 3.15 -18.52 1.02
C VAL A 97 3.07 -17.50 2.12
N PHE A 98 2.62 -17.97 3.27
CA PHE A 98 2.43 -17.11 4.42
C PHE A 98 3.29 -17.42 5.61
N GLU A 99 3.37 -16.41 6.45
CA GLU A 99 4.10 -16.53 7.68
C GLU A 99 3.31 -17.58 8.49
N HIS A 100 3.98 -18.31 9.36
CA HIS A 100 3.25 -19.29 10.11
C HIS A 100 3.88 -19.50 11.45
N VAL A 101 3.08 -19.85 12.45
CA VAL A 101 3.61 -20.03 13.78
C VAL A 101 3.14 -21.30 14.43
N ASP A 102 4.03 -21.97 15.13
CA ASP A 102 3.64 -23.23 15.76
C ASP A 102 3.03 -23.17 17.11
N GLN A 103 2.02 -22.31 17.22
CA GLN A 103 1.26 -22.13 18.45
C GLN A 103 0.09 -21.18 18.28
N ASP A 104 -1.07 -21.59 18.74
CA ASP A 104 -2.19 -20.69 18.68
C ASP A 104 -2.64 -20.37 20.08
N LEU A 105 -3.53 -19.38 20.17
CA LEU A 105 -3.98 -18.91 21.44
C LEU A 105 -4.53 -20.02 22.32
N THR A 106 -5.08 -21.03 21.68
CA THR A 106 -5.65 -22.14 22.41
C THR A 106 -4.64 -23.04 23.12
N THR A 107 -3.69 -23.60 22.37
CA THR A 107 -2.68 -24.50 22.94
C THR A 107 -1.94 -23.78 24.03
N TYR A 108 -1.77 -22.50 23.88
CA TYR A 108 -1.10 -21.72 24.89
C TYR A 108 -1.91 -21.68 26.17
N LEU A 109 -3.17 -21.28 26.08
CA LEU A 109 -4.04 -21.18 27.25
C LEU A 109 -4.23 -22.57 27.84
N ASP A 110 -4.43 -23.50 26.95
CA ASP A 110 -4.63 -24.86 27.36
C ASP A 110 -3.33 -25.39 28.01
N LYS A 111 -2.29 -24.59 27.99
CA LYS A 111 -1.01 -25.00 28.51
C LYS A 111 -0.59 -24.33 29.79
N VAL A 112 -0.92 -23.04 29.93
CA VAL A 112 -0.53 -22.25 31.09
C VAL A 112 -0.84 -22.83 32.46
N PRO A 113 0.03 -22.52 33.44
CA PRO A 113 0.00 -22.93 34.86
C PRO A 113 -1.30 -22.62 35.57
N GLU A 114 -1.76 -23.58 36.38
CA GLU A 114 -3.01 -23.46 37.13
C GLU A 114 -3.51 -22.08 37.54
N PRO A 115 -2.60 -21.18 37.97
CA PRO A 115 -3.13 -19.87 38.33
C PRO A 115 -3.63 -19.09 37.10
N GLY A 116 -2.94 -19.21 35.98
CA GLY A 116 -3.36 -18.53 34.77
C GLY A 116 -2.40 -17.56 34.11
N VAL A 117 -2.83 -17.09 32.94
CA VAL A 117 -2.07 -16.14 32.14
C VAL A 117 -1.89 -14.94 33.03
N PRO A 118 -0.70 -14.38 33.04
CA PRO A 118 -0.52 -13.22 33.90
C PRO A 118 -1.22 -11.97 33.37
N THR A 119 -1.86 -11.29 34.31
CA THR A 119 -2.59 -10.06 34.06
C THR A 119 -2.07 -9.21 32.90
N GLU A 120 -0.79 -8.92 32.98
CA GLU A 120 -0.15 -8.09 32.00
C GLU A 120 0.01 -8.81 30.69
N THR A 121 0.14 -10.13 30.79
CA THR A 121 0.29 -10.96 29.60
C THR A 121 -1.00 -10.80 28.81
N ILE A 122 -2.12 -11.02 29.51
CA ILE A 122 -3.44 -10.85 28.90
C ILE A 122 -3.55 -9.46 28.26
N LYS A 123 -3.35 -8.45 29.09
CA LYS A 123 -3.40 -7.06 28.70
C LYS A 123 -2.60 -6.86 27.39
N ASP A 124 -1.44 -7.52 27.36
CA ASP A 124 -0.50 -7.46 26.25
C ASP A 124 -0.94 -8.09 24.94
N MET A 125 -1.35 -9.36 25.02
CA MET A 125 -1.82 -10.14 23.86
C MET A 125 -3.01 -9.38 23.33
N MET A 126 -3.87 -9.08 24.29
CA MET A 126 -5.07 -8.33 24.08
C MET A 126 -4.78 -7.03 23.29
N PHE A 127 -3.74 -6.29 23.68
CA PHE A 127 -3.41 -5.04 23.01
C PHE A 127 -3.05 -5.26 21.56
N GLN A 128 -2.21 -6.28 21.36
CA GLN A 128 -1.74 -6.64 20.03
C GLN A 128 -2.88 -7.15 19.20
N LEU A 129 -3.66 -8.03 19.80
CA LEU A 129 -4.82 -8.60 19.13
C LEU A 129 -5.67 -7.46 18.58
N LEU A 130 -5.81 -6.39 19.35
CA LEU A 130 -6.57 -5.24 18.93
C LEU A 130 -5.79 -4.44 17.90
N ARG A 131 -4.53 -4.20 18.22
CA ARG A 131 -3.63 -3.45 17.38
C ARG A 131 -3.66 -3.97 15.92
N GLY A 132 -3.48 -5.27 15.74
CA GLY A 132 -3.51 -5.82 14.39
C GLY A 132 -4.91 -5.79 13.82
N LEU A 133 -5.88 -5.90 14.74
CA LEU A 133 -7.28 -5.89 14.40
C LEU A 133 -7.58 -4.58 13.76
N ASP A 134 -7.24 -3.51 14.49
CA ASP A 134 -7.42 -2.15 14.02
C ASP A 134 -6.79 -1.99 12.62
N PHE A 135 -5.53 -2.42 12.49
CA PHE A 135 -4.80 -2.38 11.22
C PHE A 135 -5.61 -3.05 10.10
N LEU A 136 -6.26 -4.16 10.41
CA LEU A 136 -7.05 -4.89 9.43
C LEU A 136 -8.25 -4.09 9.00
N HIS A 137 -8.96 -3.61 10.01
CA HIS A 137 -10.16 -2.85 9.79
C HIS A 137 -9.90 -1.68 8.86
N SER A 138 -9.03 -0.76 9.27
CA SER A 138 -8.69 0.33 8.36
C SER A 138 -8.08 -0.53 7.25
N HIS A 139 -7.98 0.01 6.05
CA HIS A 139 -7.53 -0.78 4.91
C HIS A 139 -8.76 -1.66 4.61
N ARG A 140 -9.92 -1.23 5.13
CA ARG A 140 -11.23 -1.86 5.00
C ARG A 140 -11.26 -3.36 4.78
N VAL A 141 -10.77 -4.06 5.79
CA VAL A 141 -10.75 -5.50 5.76
C VAL A 141 -11.48 -5.91 6.99
N VAL A 142 -12.26 -6.96 6.91
CA VAL A 142 -12.98 -7.41 8.09
C VAL A 142 -12.66 -8.86 8.25
N HIS A 143 -12.10 -9.20 9.41
CA HIS A 143 -11.70 -10.56 9.62
C HIS A 143 -12.82 -11.56 9.54
N ARG A 144 -13.91 -11.24 10.20
CA ARG A 144 -15.06 -12.11 10.23
C ARG A 144 -14.91 -13.50 10.93
N ASP A 145 -13.69 -13.97 11.19
CA ASP A 145 -13.53 -15.29 11.82
C ASP A 145 -12.53 -15.31 12.97
N LEU A 146 -12.75 -14.47 13.95
CA LEU A 146 -11.81 -14.37 15.03
C LEU A 146 -11.73 -15.43 16.13
N LYS A 147 -11.79 -16.70 15.79
CA LYS A 147 -11.73 -17.71 16.81
C LYS A 147 -10.31 -17.73 17.31
N PRO A 148 -10.07 -18.38 18.46
CA PRO A 148 -8.72 -18.45 19.02
C PRO A 148 -7.77 -19.33 18.24
N GLN A 149 -8.28 -20.04 17.26
CA GLN A 149 -7.43 -20.88 16.43
C GLN A 149 -6.89 -20.05 15.30
N ASN A 150 -7.55 -18.94 14.99
CA ASN A 150 -6.98 -18.07 13.97
C ASN A 150 -6.04 -17.09 14.72
N ILE A 151 -5.85 -17.29 16.04
CA ILE A 151 -4.95 -16.43 16.83
C ILE A 151 -3.61 -17.13 17.15
N LEU A 152 -2.52 -16.76 16.46
CA LEU A 152 -1.22 -17.36 16.71
C LEU A 152 -0.44 -16.59 17.74
N VAL A 153 0.28 -17.33 18.56
CA VAL A 153 1.04 -16.72 19.63
C VAL A 153 2.42 -17.28 19.57
N THR A 154 3.44 -16.44 19.51
CA THR A 154 4.77 -17.00 19.43
C THR A 154 5.29 -17.31 20.79
N SER A 155 6.30 -18.16 20.79
CA SER A 155 6.98 -18.59 21.99
C SER A 155 7.38 -17.32 22.71
N SER A 156 7.65 -16.30 21.90
CA SER A 156 8.03 -15.00 22.41
C SER A 156 6.77 -14.41 23.08
N GLY A 157 5.63 -14.53 22.39
CA GLY A 157 4.41 -13.98 22.94
C GLY A 157 3.85 -12.98 21.96
N GLN A 158 4.45 -12.85 20.79
CA GLN A 158 3.91 -11.90 19.83
C GLN A 158 2.68 -12.56 19.23
N ILE A 159 1.63 -11.77 19.05
CA ILE A 159 0.39 -12.25 18.49
C ILE A 159 0.31 -11.83 17.05
N LYS A 160 -0.08 -12.77 16.20
CA LYS A 160 -0.22 -12.53 14.78
C LYS A 160 -1.54 -13.19 14.37
N LEU A 161 -2.50 -12.42 13.84
CA LEU A 161 -3.77 -13.01 13.43
C LEU A 161 -3.60 -13.83 12.15
N ALA A 162 -4.51 -14.74 11.88
CA ALA A 162 -4.42 -15.57 10.69
C ALA A 162 -5.81 -15.88 10.22
N ASP A 163 -5.94 -16.68 9.17
CA ASP A 163 -7.27 -16.99 8.64
C ASP A 163 -7.19 -18.23 7.80
N PHE A 164 -7.34 -19.39 8.41
CA PHE A 164 -7.23 -20.59 7.61
C PHE A 164 -8.56 -21.10 7.04
N GLY A 165 -9.65 -20.55 7.58
CA GLY A 165 -10.96 -20.95 7.13
C GLY A 165 -11.15 -22.41 7.41
N LEU A 166 -10.51 -22.92 8.47
CA LEU A 166 -10.63 -24.32 8.82
C LEU A 166 -11.61 -24.37 9.95
N ALA A 167 -12.38 -25.44 10.02
CA ALA A 167 -13.39 -25.65 11.08
C ALA A 167 -12.86 -26.56 12.14
N ARG A 168 -13.61 -26.69 13.23
CA ARG A 168 -13.21 -27.55 14.35
C ARG A 168 -14.53 -27.99 14.85
N ILE A 169 -14.72 -29.28 15.03
CA ILE A 169 -16.04 -29.66 15.45
C ILE A 169 -16.18 -30.24 16.81
N TYR A 170 -16.71 -29.44 17.72
CA TYR A 170 -16.93 -29.86 19.10
C TYR A 170 -18.07 -30.85 19.29
N SER A 171 -17.80 -31.96 19.94
CA SER A 171 -18.86 -32.93 20.24
C SER A 171 -19.31 -32.52 21.62
N PHE A 172 -20.56 -32.77 21.98
CA PHE A 172 -21.00 -32.28 23.26
C PHE A 172 -20.98 -33.09 24.55
N GLN A 173 -20.73 -32.34 25.61
CA GLN A 173 -20.66 -32.87 26.95
C GLN A 173 -22.06 -32.98 27.56
N MET A 174 -22.34 -34.18 28.05
CA MET A 174 -23.58 -34.56 28.72
C MET A 174 -24.57 -35.23 27.77
N ALA A 175 -25.23 -36.26 28.32
CA ALA A 175 -26.25 -37.08 27.66
C ALA A 175 -26.58 -36.79 26.18
N LEU A 176 -27.47 -35.82 25.97
CA LEU A 176 -27.94 -35.38 24.65
C LEU A 176 -26.78 -34.74 23.87
N THR A 177 -25.72 -35.51 23.70
CA THR A 177 -24.55 -35.03 23.01
C THR A 177 -24.95 -34.78 21.55
N SER A 178 -24.28 -33.80 20.94
CA SER A 178 -24.46 -33.38 19.54
C SER A 178 -23.35 -32.41 19.15
N VAL A 179 -22.86 -32.55 17.92
CA VAL A 179 -21.80 -31.70 17.43
C VAL A 179 -22.17 -30.26 17.18
N VAL A 180 -21.13 -29.44 17.16
CA VAL A 180 -21.26 -28.04 16.84
C VAL A 180 -19.90 -27.62 16.32
N VAL A 181 -19.90 -26.76 15.32
CA VAL A 181 -18.67 -26.21 14.75
C VAL A 181 -18.54 -24.93 15.59
N THR A 182 -17.35 -24.39 15.85
CA THR A 182 -17.36 -23.19 16.68
C THR A 182 -17.69 -21.72 16.17
N LEU A 183 -18.93 -21.40 16.53
CA LEU A 183 -19.64 -20.18 16.23
C LEU A 183 -19.75 -19.45 17.55
N TRP A 184 -19.12 -20.02 18.56
CA TRP A 184 -19.14 -19.44 19.88
C TRP A 184 -18.54 -18.07 19.90
N TYR A 185 -17.94 -17.69 18.77
CA TYR A 185 -17.34 -16.39 18.64
C TYR A 185 -18.13 -15.55 17.65
N ARG A 186 -19.27 -16.06 17.14
CA ARG A 186 -20.07 -15.28 16.17
C ARG A 186 -20.96 -14.25 16.86
N ALA A 187 -20.89 -13.03 16.34
CA ALA A 187 -21.66 -11.91 16.85
C ALA A 187 -23.18 -12.12 16.67
N PRO A 188 -24.02 -11.42 17.47
CA PRO A 188 -25.49 -11.50 17.42
C PRO A 188 -26.01 -11.15 16.04
N GLU A 189 -25.52 -10.03 15.57
CA GLU A 189 -25.82 -9.50 14.26
C GLU A 189 -25.78 -10.61 13.22
N VAL A 190 -24.77 -11.46 13.33
CA VAL A 190 -24.58 -12.57 12.43
C VAL A 190 -25.44 -13.76 12.76
N LEU A 191 -25.60 -14.09 14.03
CA LEU A 191 -26.44 -15.23 14.35
C LEU A 191 -27.87 -14.87 13.91
N LEU A 192 -28.17 -13.59 14.05
CA LEU A 192 -29.46 -13.06 13.73
C LEU A 192 -29.55 -12.85 12.24
N GLN A 193 -28.41 -12.90 11.58
CA GLN A 193 -28.39 -12.69 10.15
C GLN A 193 -28.93 -11.31 9.82
N SER A 194 -28.60 -10.31 10.62
CA SER A 194 -29.06 -8.97 10.33
C SER A 194 -27.86 -8.29 9.73
N SER A 195 -26.96 -7.89 10.63
CA SER A 195 -25.76 -7.21 10.26
C SER A 195 -24.57 -8.18 10.11
N TYR A 196 -23.51 -7.68 9.47
CA TYR A 196 -22.25 -8.40 9.21
C TYR A 196 -21.20 -7.30 9.08
N ALA A 197 -21.49 -6.21 9.76
CA ALA A 197 -20.61 -5.06 9.72
C ALA A 197 -19.34 -5.30 10.50
N THR A 198 -18.40 -4.39 10.37
CA THR A 198 -17.14 -4.52 11.08
C THR A 198 -17.18 -4.81 12.58
N PRO A 199 -18.12 -4.23 13.30
CA PRO A 199 -18.18 -4.48 14.76
C PRO A 199 -18.23 -5.95 15.06
N VAL A 200 -18.60 -6.70 14.02
CA VAL A 200 -18.67 -8.13 14.06
C VAL A 200 -17.38 -8.64 14.74
N ASP A 201 -16.23 -8.16 14.27
CA ASP A 201 -14.92 -8.59 14.81
C ASP A 201 -14.71 -8.23 16.26
N LEU A 202 -15.29 -7.11 16.66
CA LEU A 202 -15.16 -6.70 18.03
C LEU A 202 -15.84 -7.63 19.00
N TRP A 203 -17.02 -8.12 18.63
CA TRP A 203 -17.76 -9.08 19.45
C TRP A 203 -16.79 -10.24 19.71
N SER A 204 -16.25 -10.76 18.61
CA SER A 204 -15.31 -11.87 18.67
C SER A 204 -14.16 -11.57 19.62
N VAL A 205 -13.61 -10.35 19.62
CA VAL A 205 -12.48 -10.08 20.54
C VAL A 205 -12.90 -10.12 21.98
N GLY A 206 -14.10 -9.64 22.27
CA GLY A 206 -14.49 -9.67 23.66
C GLY A 206 -14.61 -11.11 24.13
N CYS A 207 -15.11 -11.94 23.24
CA CYS A 207 -15.29 -13.36 23.51
C CYS A 207 -13.93 -14.01 23.86
N ILE A 208 -12.91 -13.51 23.18
CA ILE A 208 -11.58 -14.01 23.35
C ILE A 208 -11.02 -13.46 24.65
N PHE A 209 -11.10 -12.14 24.80
CA PHE A 209 -10.61 -11.45 26.00
C PHE A 209 -11.08 -12.26 27.21
N ALA A 210 -12.38 -12.51 27.20
CA ALA A 210 -13.02 -13.27 28.24
C ALA A 210 -12.30 -14.57 28.41
N GLU A 211 -12.14 -15.31 27.32
CA GLU A 211 -11.46 -16.59 27.35
C GLU A 211 -9.97 -16.51 27.76
N MET A 212 -9.40 -15.33 27.84
CA MET A 212 -8.03 -15.33 28.31
C MET A 212 -8.09 -15.42 29.80
N PHE A 213 -9.07 -14.76 30.42
CA PHE A 213 -9.20 -14.87 31.89
C PHE A 213 -9.78 -16.27 32.25
N ARG A 214 -10.59 -16.77 31.35
CA ARG A 214 -11.30 -18.01 31.52
C ARG A 214 -10.61 -19.32 31.18
N ARG A 215 -9.81 -19.30 30.13
CA ARG A 215 -9.18 -20.53 29.67
C ARG A 215 -10.25 -21.59 29.33
N LYS A 216 -11.44 -21.12 28.94
CA LYS A 216 -12.55 -21.94 28.48
C LYS A 216 -13.48 -20.93 27.78
N PRO A 217 -13.95 -21.28 26.56
CA PRO A 217 -14.84 -20.39 25.78
C PRO A 217 -15.97 -19.85 26.63
N LEU A 218 -16.35 -18.58 26.42
CA LEU A 218 -17.41 -18.01 27.27
C LEU A 218 -18.81 -18.55 26.94
N PHE A 219 -19.32 -18.18 25.77
CA PHE A 219 -20.64 -18.60 25.32
C PHE A 219 -20.54 -19.88 24.43
N ARG A 220 -20.95 -21.05 24.94
CA ARG A 220 -20.83 -22.25 24.10
C ARG A 220 -22.07 -23.09 23.84
N GLY A 221 -22.88 -22.65 22.89
CA GLY A 221 -24.08 -23.39 22.55
C GLY A 221 -23.93 -24.30 21.34
N SER A 222 -25.04 -24.93 20.94
CA SER A 222 -25.09 -25.85 19.81
C SER A 222 -25.90 -25.37 18.61
N SER A 223 -26.74 -24.35 18.80
CA SER A 223 -27.51 -23.87 17.68
C SER A 223 -27.47 -22.39 17.71
N ASP A 224 -27.75 -21.79 16.57
CA ASP A 224 -27.77 -20.34 16.46
C ASP A 224 -28.72 -19.74 17.53
N VAL A 225 -29.89 -20.37 17.68
CA VAL A 225 -30.85 -19.88 18.64
C VAL A 225 -30.38 -20.17 20.06
N ASP A 226 -29.73 -21.32 20.23
CA ASP A 226 -29.19 -21.72 21.51
C ASP A 226 -28.06 -20.78 21.93
N GLN A 227 -27.25 -20.44 20.96
CA GLN A 227 -26.13 -19.58 21.18
C GLN A 227 -26.72 -18.26 21.69
N LEU A 228 -27.74 -17.78 20.97
CA LEU A 228 -28.37 -16.54 21.37
C LEU A 228 -28.79 -16.59 22.78
N GLY A 229 -29.28 -17.75 23.18
CA GLY A 229 -29.74 -17.94 24.54
C GLY A 229 -28.59 -17.60 25.44
N LYS A 230 -27.55 -18.41 25.32
CA LYS A 230 -26.37 -18.25 26.13
C LYS A 230 -25.88 -16.80 26.25
N ILE A 231 -25.75 -16.09 25.13
CA ILE A 231 -25.28 -14.70 25.20
C ILE A 231 -26.15 -13.93 26.14
N LEU A 232 -27.43 -13.99 25.87
CA LEU A 232 -28.41 -13.30 26.66
C LEU A 232 -28.39 -13.64 28.15
N ASP A 233 -28.29 -14.90 28.57
CA ASP A 233 -28.28 -15.16 30.02
C ASP A 233 -27.26 -14.27 30.73
N VAL A 234 -26.18 -13.95 30.06
CA VAL A 234 -25.18 -13.12 30.68
C VAL A 234 -25.48 -11.66 30.44
N ILE A 235 -25.37 -11.25 29.18
CA ILE A 235 -25.59 -9.86 28.85
C ILE A 235 -27.01 -9.34 29.08
N GLY A 236 -27.97 -10.28 29.13
CA GLY A 236 -29.39 -9.94 29.35
C GLY A 236 -30.20 -9.53 28.13
N LEU A 237 -31.52 -9.74 28.14
CA LEU A 237 -32.34 -9.38 26.99
C LEU A 237 -32.17 -7.92 26.61
N PRO A 238 -31.50 -7.61 25.48
CA PRO A 238 -31.34 -6.21 25.13
C PRO A 238 -32.71 -5.57 25.04
N GLY A 239 -32.73 -4.26 24.81
CA GLY A 239 -33.99 -3.56 24.72
C GLY A 239 -34.58 -3.73 23.34
N GLU A 240 -35.90 -3.71 23.27
CA GLU A 240 -36.61 -3.85 22.01
C GLU A 240 -35.99 -2.94 20.97
N GLU A 241 -35.49 -1.80 21.45
CA GLU A 241 -34.88 -0.81 20.59
C GLU A 241 -33.47 -1.11 20.14
N ASP A 242 -32.94 -2.24 20.60
CA ASP A 242 -31.57 -2.65 20.27
C ASP A 242 -31.54 -3.85 19.34
N TRP A 243 -32.69 -4.52 19.20
CA TRP A 243 -32.88 -5.71 18.36
C TRP A 243 -33.40 -5.22 17.00
N PRO A 244 -33.04 -5.88 15.91
CA PRO A 244 -33.46 -5.50 14.54
C PRO A 244 -34.79 -6.11 13.97
N ARG A 245 -35.48 -5.42 13.01
CA ARG A 245 -36.79 -5.91 12.44
C ARG A 245 -36.86 -7.26 11.73
N ASP A 246 -36.61 -7.26 10.42
CA ASP A 246 -36.66 -8.47 9.61
C ASP A 246 -36.42 -9.75 10.41
N VAL A 247 -35.24 -9.87 10.98
CA VAL A 247 -34.83 -11.03 11.77
C VAL A 247 -35.86 -12.16 12.02
N ALA A 248 -35.44 -13.38 11.68
CA ALA A 248 -36.24 -14.58 11.93
C ALA A 248 -36.40 -14.83 13.46
N LEU A 249 -35.40 -14.44 14.27
CA LEU A 249 -35.50 -14.55 15.72
C LEU A 249 -35.72 -13.18 16.38
N PRO A 250 -36.97 -12.81 16.62
CA PRO A 250 -37.30 -11.53 17.24
C PRO A 250 -37.10 -11.58 18.73
N ARG A 251 -36.93 -10.39 19.31
CA ARG A 251 -36.72 -10.25 20.72
C ARG A 251 -37.74 -11.05 21.52
N GLN A 252 -38.98 -11.05 21.06
CA GLN A 252 -40.03 -11.75 21.79
C GLN A 252 -39.85 -13.23 21.95
N ALA A 253 -38.96 -13.76 21.12
CA ALA A 253 -38.67 -15.17 21.09
C ALA A 253 -37.92 -15.54 22.33
N PHE A 254 -37.36 -14.52 22.98
CA PHE A 254 -36.54 -14.70 24.15
C PHE A 254 -37.10 -14.07 25.43
N HIS A 255 -36.64 -14.63 26.56
CA HIS A 255 -37.01 -14.19 27.93
C HIS A 255 -36.20 -12.96 28.31
N SER A 256 -36.57 -12.31 29.40
CA SER A 256 -35.82 -11.13 29.83
C SER A 256 -34.68 -11.53 30.72
N LYS A 257 -35.01 -12.51 31.55
CA LYS A 257 -34.11 -13.05 32.54
C LYS A 257 -32.76 -12.36 32.76
N SER A 258 -32.76 -11.57 33.84
CA SER A 258 -31.60 -10.82 34.34
C SER A 258 -30.81 -9.84 33.43
N ALA A 259 -29.48 -9.91 33.62
CA ALA A 259 -28.40 -9.16 32.97
C ALA A 259 -27.24 -9.42 33.96
N GLN A 260 -26.95 -10.70 34.21
CA GLN A 260 -25.92 -11.13 35.15
C GLN A 260 -24.60 -10.40 34.99
N PRO A 261 -23.94 -10.12 36.12
CA PRO A 261 -22.64 -9.43 36.24
C PRO A 261 -21.54 -10.29 35.62
N ILE A 262 -21.10 -9.88 34.44
CA ILE A 262 -20.12 -10.64 33.68
C ILE A 262 -19.01 -11.27 34.47
N GLU A 263 -18.61 -10.58 35.53
CA GLU A 263 -17.52 -11.07 36.35
C GLU A 263 -17.77 -12.40 37.06
N LYS A 264 -18.99 -12.89 37.09
CA LYS A 264 -19.16 -14.18 37.75
C LYS A 264 -18.90 -15.25 36.69
N PHE A 265 -18.34 -14.80 35.57
CA PHE A 265 -18.01 -15.64 34.44
C PHE A 265 -16.57 -15.42 34.06
N VAL A 266 -16.24 -14.20 33.68
CA VAL A 266 -14.86 -13.89 33.35
C VAL A 266 -14.21 -13.63 34.71
N THR A 267 -13.99 -14.71 35.41
CA THR A 267 -13.42 -14.66 36.74
C THR A 267 -12.11 -13.87 36.76
N ASP A 268 -11.98 -12.99 37.74
CA ASP A 268 -10.75 -12.24 37.93
C ASP A 268 -10.39 -11.11 37.02
N ILE A 269 -11.33 -10.69 36.20
CA ILE A 269 -10.99 -9.56 35.37
C ILE A 269 -10.95 -8.39 36.37
N ASP A 270 -10.45 -7.26 35.91
CA ASP A 270 -10.37 -6.06 36.73
C ASP A 270 -11.50 -5.15 36.27
N GLU A 271 -11.68 -4.03 36.96
CA GLU A 271 -12.73 -3.10 36.61
C GLU A 271 -12.51 -2.46 35.23
N LEU A 272 -11.29 -2.01 34.92
CA LEU A 272 -11.03 -1.38 33.59
C LEU A 272 -11.21 -2.34 32.40
N GLY A 273 -10.98 -3.62 32.71
CA GLY A 273 -11.11 -4.66 31.72
C GLY A 273 -12.57 -4.90 31.59
N LYS A 274 -13.25 -5.08 32.72
CA LYS A 274 -14.68 -5.33 32.72
C LYS A 274 -15.37 -4.37 31.78
N ASP A 275 -14.96 -3.11 31.85
CA ASP A 275 -15.49 -2.07 31.01
C ASP A 275 -15.26 -2.37 29.51
N LEU A 276 -14.00 -2.64 29.15
CA LEU A 276 -13.65 -2.95 27.77
C LEU A 276 -14.34 -4.21 27.31
N LEU A 277 -14.34 -5.23 28.15
CA LEU A 277 -14.98 -6.50 27.82
C LEU A 277 -16.42 -6.20 27.38
N LEU A 278 -17.21 -5.63 28.30
CA LEU A 278 -18.60 -5.29 28.03
C LEU A 278 -18.70 -4.31 26.87
N LYS A 279 -17.68 -3.51 26.62
CA LYS A 279 -17.78 -2.58 25.48
C LYS A 279 -17.73 -3.31 24.15
N CYS A 280 -17.19 -4.54 24.19
CA CYS A 280 -17.10 -5.42 23.01
C CYS A 280 -18.38 -6.26 22.98
N LEU A 281 -18.62 -6.95 24.08
CA LEU A 281 -19.76 -7.79 24.26
C LEU A 281 -21.10 -7.00 24.30
N THR A 282 -21.30 -6.02 23.42
CA THR A 282 -22.57 -5.30 23.43
C THR A 282 -23.37 -5.66 22.20
N PHE A 283 -24.52 -6.25 22.49
CA PHE A 283 -25.44 -6.74 21.49
C PHE A 283 -25.65 -5.79 20.36
N ASN A 284 -25.92 -4.54 20.66
CA ASN A 284 -26.14 -3.62 19.58
C ASN A 284 -24.84 -3.16 18.96
N PRO A 285 -24.58 -3.60 17.73
CA PRO A 285 -23.37 -3.25 16.98
C PRO A 285 -23.05 -1.77 16.76
N ALA A 286 -24.05 -0.92 16.65
CA ALA A 286 -23.73 0.48 16.44
C ALA A 286 -23.18 0.93 17.78
N LYS A 287 -23.80 0.45 18.84
CA LYS A 287 -23.37 0.83 20.15
C LYS A 287 -22.26 -0.09 20.68
N ARG A 288 -21.40 -0.58 19.80
CA ARG A 288 -20.32 -1.47 20.23
C ARG A 288 -19.00 -0.79 19.99
N ILE A 289 -18.09 -0.86 20.97
CA ILE A 289 -16.78 -0.20 20.83
C ILE A 289 -16.03 -0.54 19.55
N SER A 290 -15.21 0.40 19.10
CA SER A 290 -14.40 0.20 17.89
C SER A 290 -13.06 -0.37 18.30
N ALA A 291 -12.37 -0.99 17.36
CA ALA A 291 -11.05 -1.52 17.65
C ALA A 291 -10.21 -0.30 17.98
N TYR A 292 -10.16 0.63 17.03
CA TYR A 292 -9.41 1.86 17.18
C TYR A 292 -9.58 2.41 18.59
N SER A 293 -10.83 2.50 19.00
CA SER A 293 -11.19 3.04 20.28
C SER A 293 -10.75 2.16 21.44
N ALA A 294 -11.07 0.88 21.35
CA ALA A 294 -10.76 -0.08 22.38
C ALA A 294 -9.30 0.03 22.74
N LEU A 295 -8.52 0.24 21.69
CA LEU A 295 -7.08 0.38 21.75
C LEU A 295 -6.68 1.55 22.63
N SER A 296 -7.48 2.61 22.60
CA SER A 296 -7.21 3.80 23.39
C SER A 296 -7.84 3.71 24.78
N HIS A 297 -8.50 2.60 25.05
CA HIS A 297 -9.15 2.41 26.33
C HIS A 297 -8.18 2.41 27.53
N PRO A 298 -8.64 2.89 28.68
CA PRO A 298 -7.83 2.95 29.89
C PRO A 298 -7.35 1.62 30.42
N TYR A 299 -7.63 0.52 29.74
CA TYR A 299 -7.13 -0.75 30.24
C TYR A 299 -5.64 -0.75 29.85
N PHE A 300 -5.34 -0.05 28.77
CA PHE A 300 -3.99 0.10 28.25
C PHE A 300 -3.55 1.53 28.57
N GLN A 301 -3.42 1.81 29.86
CA GLN A 301 -3.03 3.13 30.32
C GLN A 301 -1.50 3.25 30.43
N VAL B 6 -0.30 -41.66 2.00
CA VAL B 6 -0.94 -42.55 3.01
C VAL B 6 -2.03 -41.84 3.82
N ARG B 7 -3.20 -42.47 3.88
CA ARG B 7 -4.37 -41.97 4.61
C ARG B 7 -4.09 -41.51 6.05
N ALA B 8 -4.18 -42.43 7.00
CA ALA B 8 -3.95 -42.14 8.41
C ALA B 8 -2.70 -41.31 8.61
N GLY B 9 -1.75 -41.43 7.70
CA GLY B 9 -0.55 -40.62 7.83
C GLY B 9 -1.04 -39.19 7.79
N ASP B 10 -1.89 -38.93 6.83
CA ASP B 10 -2.48 -37.63 6.68
C ASP B 10 -3.47 -37.25 7.78
N ARG B 11 -4.30 -38.19 8.22
CA ARG B 11 -5.27 -37.88 9.26
C ARG B 11 -4.60 -37.53 10.60
N LEU B 12 -3.52 -38.22 10.92
CA LEU B 12 -2.81 -37.98 12.16
C LEU B 12 -1.89 -36.78 12.07
N SER B 13 -1.24 -36.62 10.93
CA SER B 13 -0.36 -35.48 10.77
C SER B 13 -1.19 -34.22 10.86
N GLY B 14 -2.16 -34.07 9.96
CA GLY B 14 -3.01 -32.88 9.97
C GLY B 14 -3.48 -32.51 11.38
N ALA B 15 -3.87 -33.51 12.17
CA ALA B 15 -4.33 -33.28 13.54
C ALA B 15 -3.22 -32.63 14.32
N ALA B 16 -2.07 -33.31 14.31
CA ALA B 16 -0.89 -32.85 14.98
C ALA B 16 -0.66 -31.41 14.60
N ALA B 17 -0.47 -31.20 13.30
CA ALA B 17 -0.21 -29.89 12.74
C ALA B 17 -1.15 -28.85 13.29
N ARG B 18 -2.44 -29.15 13.33
CA ARG B 18 -3.44 -28.21 13.83
C ARG B 18 -3.47 -28.11 15.34
N GLY B 19 -2.69 -28.95 15.99
CA GLY B 19 -2.63 -28.90 17.42
C GLY B 19 -3.87 -29.47 18.02
N ASP B 20 -4.63 -30.25 17.25
CA ASP B 20 -5.84 -30.84 17.82
C ASP B 20 -5.43 -32.03 18.64
N VAL B 21 -5.39 -31.86 19.95
CA VAL B 21 -4.96 -32.96 20.81
C VAL B 21 -5.91 -34.12 20.74
N GLN B 22 -7.16 -33.82 21.00
CA GLN B 22 -8.26 -34.76 20.99
C GLN B 22 -8.15 -35.73 19.84
N GLU B 23 -8.13 -35.23 18.61
CA GLU B 23 -8.04 -36.10 17.44
C GLU B 23 -6.82 -36.96 17.52
N VAL B 24 -5.69 -36.32 17.77
CA VAL B 24 -4.43 -37.05 17.85
C VAL B 24 -4.60 -38.21 18.84
N ARG B 25 -5.22 -37.95 19.98
CA ARG B 25 -5.42 -38.98 20.97
C ARG B 25 -6.45 -39.98 20.48
N ARG B 26 -7.40 -39.54 19.66
CA ARG B 26 -8.42 -40.44 19.14
C ARG B 26 -7.79 -41.35 18.11
N LEU B 27 -7.33 -40.75 17.02
CA LEU B 27 -6.70 -41.47 15.92
C LEU B 27 -5.65 -42.40 16.44
N LEU B 28 -5.05 -42.06 17.59
CA LEU B 28 -4.04 -42.92 18.15
C LEU B 28 -4.68 -44.12 18.84
N HIS B 29 -5.58 -43.81 19.77
CA HIS B 29 -6.25 -44.85 20.56
C HIS B 29 -7.44 -45.48 19.86
N ARG B 30 -8.59 -44.84 19.96
CA ARG B 30 -9.85 -45.31 19.35
C ARG B 30 -9.78 -45.27 17.82
N GLU B 31 -8.69 -45.77 17.25
CA GLU B 31 -8.53 -45.72 15.82
C GLU B 31 -7.31 -46.57 15.52
N LEU B 32 -6.31 -46.46 16.38
CA LEU B 32 -5.04 -47.22 16.30
C LEU B 32 -4.08 -46.89 15.15
N VAL B 33 -3.73 -45.62 15.00
CA VAL B 33 -2.81 -45.25 13.93
C VAL B 33 -1.41 -45.35 14.51
N HIS B 34 -0.51 -45.89 13.70
CA HIS B 34 0.88 -46.02 14.10
C HIS B 34 1.47 -44.63 14.08
N PRO B 35 1.95 -44.15 15.23
CA PRO B 35 2.54 -42.81 15.34
C PRO B 35 3.44 -42.43 14.19
N ASP B 36 4.22 -43.40 13.76
CA ASP B 36 5.17 -43.17 12.70
C ASP B 36 4.61 -43.14 11.30
N ALA B 37 3.32 -43.41 11.17
CA ALA B 37 2.66 -43.44 9.87
C ALA B 37 2.95 -42.19 9.03
N LEU B 38 3.58 -42.39 7.88
CA LEU B 38 3.92 -41.27 7.03
C LEU B 38 2.75 -40.72 6.32
N ASN B 39 2.80 -39.42 6.06
CA ASN B 39 1.73 -38.79 5.31
C ASN B 39 2.10 -38.90 3.83
N ARG B 40 1.26 -38.36 2.95
CA ARG B 40 1.55 -38.45 1.52
C ARG B 40 2.80 -37.68 1.14
N PHE B 41 3.41 -37.05 2.13
CA PHE B 41 4.65 -36.34 1.89
C PHE B 41 5.79 -37.09 2.61
N GLY B 42 5.45 -38.23 3.21
CA GLY B 42 6.44 -39.07 3.86
C GLY B 42 7.00 -38.55 5.16
N LYS B 43 6.33 -37.59 5.73
CA LYS B 43 6.83 -37.10 6.98
C LYS B 43 5.91 -37.75 8.01
N THR B 44 6.40 -37.96 9.23
CA THR B 44 5.56 -38.51 10.29
C THR B 44 4.95 -37.27 11.01
N ALA B 45 3.98 -37.49 11.89
CA ALA B 45 3.35 -36.38 12.61
C ALA B 45 4.28 -35.63 13.59
N LEU B 46 5.02 -36.38 14.40
CA LEU B 46 5.94 -35.74 15.35
C LEU B 46 6.79 -34.74 14.61
N GLN B 47 7.02 -35.02 13.33
CA GLN B 47 7.81 -34.16 12.49
C GLN B 47 7.15 -32.84 12.10
N VAL B 48 5.86 -32.92 11.80
CA VAL B 48 5.09 -31.76 11.34
C VAL B 48 4.15 -31.16 12.37
N MET B 49 4.14 -31.73 13.56
CA MET B 49 3.25 -31.28 14.61
C MET B 49 3.38 -29.83 14.97
N MET B 50 2.37 -29.34 15.67
CA MET B 50 2.34 -27.96 16.12
C MET B 50 3.38 -27.96 17.24
N PHE B 51 4.61 -27.61 16.90
CA PHE B 51 5.71 -27.61 17.86
C PHE B 51 5.51 -26.99 19.21
N GLY B 52 4.53 -26.09 19.31
CA GLY B 52 4.24 -25.44 20.58
C GLY B 52 3.24 -26.25 21.38
N SER B 53 2.74 -27.31 20.79
CA SER B 53 1.77 -28.15 21.46
C SER B 53 2.47 -29.33 22.11
N THR B 54 3.14 -29.04 23.22
CA THR B 54 3.84 -30.06 23.99
C THR B 54 3.01 -31.33 24.19
N ALA B 55 1.74 -31.14 24.50
CA ALA B 55 0.83 -32.23 24.74
C ALA B 55 0.73 -33.17 23.59
N ILE B 56 0.83 -32.63 22.37
CA ILE B 56 0.78 -33.49 21.19
C ILE B 56 2.09 -34.23 21.06
N ALA B 57 3.18 -33.50 21.29
CA ALA B 57 4.49 -34.08 21.19
C ALA B 57 4.53 -35.25 22.14
N LEU B 58 4.11 -34.99 23.36
CA LEU B 58 4.11 -35.99 24.40
C LEU B 58 3.27 -37.16 23.97
N GLU B 59 2.01 -36.91 23.66
CA GLU B 59 1.13 -37.98 23.27
C GLU B 59 1.72 -38.89 22.20
N LEU B 60 2.35 -38.30 21.20
CA LEU B 60 2.93 -39.08 20.12
C LEU B 60 4.09 -39.92 20.61
N LEU B 61 4.98 -39.29 21.39
CA LEU B 61 6.18 -39.93 21.92
C LEU B 61 5.85 -41.02 22.90
N LYS B 62 4.67 -40.94 23.50
CA LYS B 62 4.28 -41.94 24.46
C LYS B 62 3.74 -43.15 23.76
N GLN B 63 3.21 -42.98 22.55
CA GLN B 63 2.72 -44.13 21.80
C GLN B 63 3.83 -44.69 20.92
N GLY B 64 5.04 -44.15 21.11
CA GLY B 64 6.19 -44.57 20.35
C GLY B 64 6.82 -43.36 19.71
N ALA B 65 6.63 -43.24 18.40
CA ALA B 65 7.13 -42.13 17.63
C ALA B 65 8.62 -41.94 17.76
N SER B 66 9.30 -42.32 16.69
CA SER B 66 10.74 -42.23 16.61
C SER B 66 11.11 -40.77 16.76
N PRO B 67 11.67 -40.38 17.91
CA PRO B 67 12.03 -38.97 18.08
C PRO B 67 13.18 -38.61 17.16
N ASN B 68 13.97 -39.61 16.81
CA ASN B 68 15.09 -39.32 15.95
C ASN B 68 14.74 -39.64 14.51
N VAL B 69 14.49 -38.58 13.76
CA VAL B 69 14.07 -38.67 12.38
C VAL B 69 14.54 -37.40 11.76
N GLN B 70 14.75 -37.39 10.44
CA GLN B 70 15.22 -36.17 9.76
C GLN B 70 14.47 -35.83 8.48
N ASP B 71 14.65 -34.58 8.05
CA ASP B 71 14.03 -34.02 6.88
C ASP B 71 14.89 -34.24 5.67
N THR B 72 14.39 -33.79 4.53
CA THR B 72 15.13 -33.88 3.28
C THR B 72 16.37 -33.03 3.54
N SER B 73 16.12 -31.89 4.16
CA SER B 73 17.18 -30.97 4.52
C SER B 73 17.80 -31.41 5.88
N GLY B 74 17.69 -32.71 6.20
CA GLY B 74 18.24 -33.26 7.43
C GLY B 74 17.79 -32.66 8.75
N THR B 75 16.73 -31.85 8.70
CA THR B 75 16.19 -31.19 9.87
C THR B 75 15.37 -32.14 10.71
N SER B 76 15.09 -31.80 11.96
CA SER B 76 14.31 -32.71 12.78
C SER B 76 13.63 -32.04 13.95
N PRO B 77 12.70 -32.77 14.62
CA PRO B 77 11.94 -32.29 15.78
C PRO B 77 12.73 -31.33 16.66
N VAL B 78 13.93 -31.74 17.09
CA VAL B 78 14.74 -30.87 17.92
C VAL B 78 15.17 -29.55 17.23
N HIS B 79 15.50 -29.60 15.94
CA HIS B 79 15.87 -28.37 15.28
C HIS B 79 14.65 -27.49 15.31
N ASP B 80 13.52 -28.03 14.85
CA ASP B 80 12.30 -27.24 14.79
C ASP B 80 11.95 -26.55 16.12
N ALA B 81 11.87 -27.38 17.16
CA ALA B 81 11.48 -26.99 18.52
C ALA B 81 12.28 -25.86 19.01
N ALA B 82 13.59 -26.09 18.89
CA ALA B 82 14.62 -25.14 19.30
C ALA B 82 14.51 -23.89 18.48
N ARG B 83 14.38 -24.06 17.17
CA ARG B 83 14.29 -22.91 16.31
C ARG B 83 13.05 -22.14 16.63
N THR B 84 11.99 -22.85 17.00
CA THR B 84 10.72 -22.22 17.30
C THR B 84 10.67 -21.69 18.72
N GLY B 85 11.56 -22.20 19.56
CA GLY B 85 11.56 -21.75 20.92
C GLY B 85 10.75 -22.58 21.87
N PHE B 86 10.03 -23.60 21.43
CA PHE B 86 9.26 -24.34 22.43
C PHE B 86 10.10 -25.35 23.18
N LEU B 87 10.78 -24.83 24.18
CA LEU B 87 11.65 -25.64 25.01
C LEU B 87 10.86 -26.71 25.68
N ASP B 88 9.70 -26.35 26.20
CA ASP B 88 8.80 -27.29 26.84
C ASP B 88 8.79 -28.60 26.03
N THR B 89 8.66 -28.44 24.71
CA THR B 89 8.58 -29.54 23.76
C THR B 89 9.98 -30.13 23.47
N LEU B 90 10.96 -29.24 23.46
CA LEU B 90 12.34 -29.57 23.18
C LEU B 90 12.80 -30.57 24.21
N LYS B 91 12.33 -30.35 25.42
CA LYS B 91 12.62 -31.19 26.56
C LYS B 91 11.98 -32.50 26.26
N VAL B 92 10.66 -32.51 26.18
CA VAL B 92 9.90 -33.73 25.88
C VAL B 92 10.63 -34.60 24.87
N LEU B 93 10.96 -33.98 23.74
CA LEU B 93 11.65 -34.66 22.67
C LEU B 93 12.89 -35.31 23.26
N VAL B 94 13.72 -34.49 23.91
CA VAL B 94 14.96 -34.93 24.52
C VAL B 94 14.69 -36.02 25.52
N GLU B 95 13.90 -35.72 26.54
CA GLU B 95 13.54 -36.69 27.58
C GLU B 95 13.12 -38.03 26.99
N HIS B 96 12.79 -38.05 25.71
CA HIS B 96 12.38 -39.28 25.06
C HIS B 96 13.41 -39.81 24.07
N GLY B 97 14.66 -39.42 24.29
CA GLY B 97 15.70 -39.91 23.43
C GLY B 97 16.08 -39.08 22.23
N ALA B 98 15.42 -37.96 22.00
CA ALA B 98 15.83 -37.19 20.83
C ALA B 98 17.30 -36.86 21.01
N ASP B 99 18.05 -36.83 19.91
CA ASP B 99 19.47 -36.53 19.97
C ASP B 99 19.66 -35.05 19.67
N VAL B 100 20.25 -34.34 20.61
CA VAL B 100 20.48 -32.90 20.46
C VAL B 100 21.61 -32.54 19.50
N ASN B 101 22.65 -33.38 19.47
CA ASN B 101 23.84 -33.15 18.62
C ASN B 101 23.73 -33.62 17.17
N VAL B 102 22.52 -33.67 16.65
CA VAL B 102 22.40 -34.09 15.29
C VAL B 102 22.34 -32.82 14.47
N PRO B 103 23.26 -32.69 13.52
CA PRO B 103 23.45 -31.56 12.58
C PRO B 103 22.39 -31.56 11.51
N ASP B 104 22.05 -30.38 11.03
CA ASP B 104 21.06 -30.32 9.98
C ASP B 104 21.84 -30.28 8.68
N GLY B 105 21.14 -30.30 7.56
CA GLY B 105 21.80 -30.28 6.27
C GLY B 105 22.88 -29.21 6.10
N THR B 106 22.67 -28.04 6.68
CA THR B 106 23.65 -26.99 6.54
C THR B 106 24.68 -27.02 7.64
N GLY B 107 24.70 -28.09 8.42
CA GLY B 107 25.69 -28.18 9.47
C GLY B 107 25.25 -27.63 10.81
N ALA B 108 24.33 -26.66 10.79
CA ALA B 108 23.82 -26.08 12.02
C ALA B 108 23.17 -27.13 12.91
N LEU B 109 23.39 -27.07 14.20
CA LEU B 109 22.67 -28.06 15.00
C LEU B 109 21.70 -27.25 15.86
N PRO B 110 20.79 -27.93 16.57
CA PRO B 110 19.78 -27.34 17.43
C PRO B 110 20.20 -26.01 18.02
N ILE B 111 21.22 -26.10 18.87
CA ILE B 111 21.72 -24.92 19.52
C ILE B 111 22.10 -23.79 18.53
N HIS B 112 22.53 -24.13 17.34
CA HIS B 112 22.87 -23.09 16.37
C HIS B 112 21.58 -22.30 16.12
N LEU B 113 20.51 -23.05 15.90
CA LEU B 113 19.23 -22.45 15.62
C LEU B 113 18.77 -21.58 16.75
N ALA B 114 18.89 -22.08 17.96
CA ALA B 114 18.46 -21.32 19.11
C ALA B 114 19.20 -20.01 19.14
N VAL B 115 20.52 -20.07 19.03
CA VAL B 115 21.29 -18.85 19.07
C VAL B 115 20.81 -17.93 17.98
N GLN B 116 20.71 -18.50 16.79
CA GLN B 116 20.31 -17.77 15.63
C GLN B 116 19.01 -17.01 15.87
N GLU B 117 18.06 -17.70 16.49
CA GLU B 117 16.76 -17.14 16.77
C GLU B 117 16.75 -16.33 18.04
N GLY B 118 17.68 -16.64 18.93
CA GLY B 118 17.73 -15.91 20.18
C GLY B 118 16.93 -16.51 21.31
N HIS B 119 16.67 -17.82 21.29
CA HIS B 119 15.91 -18.43 22.37
C HIS B 119 16.85 -18.77 23.53
N THR B 120 17.15 -17.74 24.31
CA THR B 120 18.02 -17.83 25.46
C THR B 120 17.88 -19.08 26.33
N ALA B 121 16.69 -19.35 26.83
CA ALA B 121 16.58 -20.51 27.71
C ALA B 121 16.84 -21.81 27.04
N VAL B 122 16.67 -21.83 25.73
CA VAL B 122 16.89 -23.05 24.97
C VAL B 122 18.37 -23.20 24.91
N VAL B 123 19.01 -22.14 24.45
CA VAL B 123 20.44 -22.08 24.33
C VAL B 123 20.99 -22.55 25.66
N SER B 124 20.40 -22.03 26.72
CA SER B 124 20.80 -22.40 28.05
C SER B 124 20.63 -23.89 28.21
N PHE B 125 19.41 -24.38 27.97
CA PHE B 125 19.11 -25.80 28.11
C PHE B 125 20.01 -26.73 27.29
N LEU B 126 20.31 -26.30 26.07
CA LEU B 126 21.11 -27.08 25.12
C LEU B 126 22.61 -27.08 25.32
N ALA B 127 23.18 -25.88 25.46
CA ALA B 127 24.63 -25.67 25.64
C ALA B 127 25.33 -26.79 26.36
N ALA B 128 24.76 -27.16 27.50
CA ALA B 128 25.26 -28.23 28.37
C ALA B 128 25.57 -29.45 27.54
N GLU B 129 24.51 -30.02 27.00
CA GLU B 129 24.61 -31.23 26.23
C GLU B 129 25.05 -31.07 24.79
N SER B 130 25.33 -29.85 24.34
CA SER B 130 25.69 -29.73 22.94
C SER B 130 27.17 -29.53 22.68
N ASP B 131 27.58 -30.01 21.53
CA ASP B 131 28.95 -29.91 21.08
C ASP B 131 29.09 -28.48 20.60
N LEU B 132 29.60 -27.60 21.44
CA LEU B 132 29.70 -26.21 21.04
C LEU B 132 30.82 -25.95 20.07
N HIS B 133 31.46 -27.04 19.66
CA HIS B 133 32.55 -26.97 18.71
C HIS B 133 32.05 -27.21 17.27
N ARG B 134 30.87 -27.81 17.06
CA ARG B 134 30.40 -28.04 15.68
C ARG B 134 30.31 -26.73 14.93
N ARG B 135 30.76 -26.79 13.69
CA ARG B 135 30.78 -25.63 12.85
C ARG B 135 29.55 -25.53 12.00
N ASP B 136 29.15 -24.29 11.86
CA ASP B 136 28.01 -23.88 11.11
C ASP B 136 28.38 -24.08 9.67
N ALA B 137 27.43 -23.88 8.78
CA ALA B 137 27.70 -23.97 7.36
C ALA B 137 28.61 -22.80 7.10
N ARG B 138 28.38 -21.71 7.84
CA ARG B 138 29.22 -20.52 7.71
C ARG B 138 30.47 -20.71 8.55
N GLY B 139 30.74 -21.95 8.93
CA GLY B 139 31.91 -22.27 9.71
C GLY B 139 31.87 -21.91 11.18
N LEU B 140 30.82 -21.23 11.60
CA LEU B 140 30.68 -20.80 13.00
C LEU B 140 30.30 -21.83 14.06
N THR B 141 30.77 -21.65 15.27
CA THR B 141 30.34 -22.56 16.33
C THR B 141 29.24 -21.75 17.00
N PRO B 142 28.50 -22.37 17.92
CA PRO B 142 27.43 -21.61 18.60
C PRO B 142 27.96 -20.25 19.10
N LEU B 143 29.02 -20.29 19.90
CA LEU B 143 29.61 -19.07 20.42
C LEU B 143 30.03 -18.07 19.33
N GLU B 144 30.70 -18.56 18.30
CA GLU B 144 31.18 -17.65 17.28
C GLU B 144 29.99 -16.96 16.63
N LEU B 145 28.85 -17.65 16.56
CA LEU B 145 27.67 -17.06 15.96
C LEU B 145 26.98 -16.18 16.95
N ALA B 146 26.99 -16.63 18.20
CA ALA B 146 26.39 -15.88 19.30
C ALA B 146 27.06 -14.52 19.22
N LEU B 147 28.37 -14.57 19.01
CA LEU B 147 29.20 -13.38 18.87
C LEU B 147 28.86 -12.67 17.56
N GLN B 148 28.89 -13.41 16.46
CA GLN B 148 28.62 -12.84 15.16
C GLN B 148 27.33 -12.03 15.21
N ARG B 149 26.43 -12.47 16.07
CA ARG B 149 25.14 -11.81 16.25
C ARG B 149 25.19 -10.65 17.27
N GLY B 150 25.78 -10.92 18.43
CA GLY B 150 25.86 -9.91 19.46
C GLY B 150 24.90 -10.25 20.58
N ALA B 151 24.66 -11.56 20.71
CA ALA B 151 23.76 -12.12 21.71
C ALA B 151 24.47 -12.19 23.04
N GLN B 152 24.61 -11.05 23.70
CA GLN B 152 25.31 -11.03 24.95
C GLN B 152 24.91 -12.18 25.86
N ASP B 153 23.70 -12.09 26.42
CA ASP B 153 23.16 -13.12 27.30
C ASP B 153 23.55 -14.53 26.86
N LEU B 154 23.49 -14.76 25.56
CA LEU B 154 23.84 -16.04 24.97
C LEU B 154 25.32 -16.33 25.12
N VAL B 155 26.12 -15.41 24.58
CA VAL B 155 27.59 -15.51 24.63
C VAL B 155 27.94 -15.97 26.02
N ASP B 156 27.37 -15.31 27.02
CA ASP B 156 27.61 -15.66 28.41
C ASP B 156 27.31 -17.12 28.75
N ILE B 157 26.11 -17.58 28.42
CA ILE B 157 25.70 -18.98 28.69
C ILE B 157 26.77 -19.91 28.12
N LEU B 158 27.05 -19.65 26.84
CA LEU B 158 28.02 -20.36 26.07
C LEU B 158 29.41 -20.39 26.72
N GLN B 159 29.91 -19.24 27.16
CA GLN B 159 31.23 -19.12 27.79
C GLN B 159 31.55 -20.33 28.66
N GLY B 160 30.55 -20.82 29.39
CA GLY B 160 30.72 -21.99 30.22
C GLY B 160 30.53 -23.22 29.34
N GLN C 11 4.04 22.20 10.03
CA GLN C 11 4.41 20.75 10.04
C GLN C 11 5.68 20.55 9.18
N GLN C 12 5.72 19.51 8.35
CA GLN C 12 6.90 19.26 7.52
C GLN C 12 6.70 19.68 6.07
N TYR C 13 5.65 20.48 5.81
CA TYR C 13 5.30 21.01 4.48
C TYR C 13 4.68 22.37 4.71
N GLU C 14 4.78 23.30 3.75
CA GLU C 14 4.14 24.61 3.92
C GLU C 14 3.34 25.09 2.68
N CYS C 15 2.00 25.03 2.80
CA CYS C 15 1.11 25.44 1.70
C CYS C 15 1.47 26.81 1.27
N VAL C 16 1.39 27.05 -0.01
CA VAL C 16 1.72 28.34 -0.48
C VAL C 16 0.63 28.81 -1.38
N ALA C 17 -0.22 27.89 -1.86
CA ALA C 17 -1.35 28.25 -2.74
C ALA C 17 -2.28 27.13 -3.21
N GLU C 18 -3.53 27.49 -3.51
CA GLU C 18 -4.47 26.52 -4.05
C GLU C 18 -4.11 26.60 -5.53
N ILE C 19 -3.62 25.50 -6.06
CA ILE C 19 -3.28 25.49 -7.46
C ILE C 19 -4.59 25.72 -8.13
N GLY C 20 -5.60 25.02 -7.60
CA GLY C 20 -6.95 25.11 -8.11
C GLY C 20 -7.84 24.11 -7.43
N GLU C 21 -9.10 24.05 -7.92
CA GLU C 21 -10.17 23.16 -7.40
C GLU C 21 -10.89 22.41 -8.54
N GLY C 22 -11.07 21.10 -8.40
CA GLY C 22 -11.72 20.36 -9.46
C GLY C 22 -12.26 19.02 -9.06
N ALA C 23 -12.20 18.05 -9.98
CA ALA C 23 -12.67 16.69 -9.76
C ALA C 23 -12.17 16.15 -8.46
N TYR C 24 -10.91 16.39 -8.15
CA TYR C 24 -10.41 15.97 -6.86
C TYR C 24 -10.34 17.34 -6.24
N GLY C 25 -10.94 17.43 -5.06
CA GLY C 25 -11.04 18.66 -4.29
C GLY C 25 -10.27 19.88 -4.77
N LYS C 26 -9.50 20.44 -3.88
CA LYS C 26 -8.70 21.58 -4.26
C LYS C 26 -7.31 21.00 -4.30
N VAL C 27 -6.45 21.49 -5.17
CA VAL C 27 -5.10 21.00 -5.08
C VAL C 27 -4.21 22.20 -4.80
N PHE C 28 -3.21 21.97 -3.95
CA PHE C 28 -2.26 22.98 -3.52
C PHE C 28 -0.84 22.70 -3.82
N LYS C 29 -0.09 23.81 -3.79
CA LYS C 29 1.32 23.84 -4.04
C LYS C 29 1.84 24.11 -2.66
N ALA C 30 2.87 23.36 -2.26
CA ALA C 30 3.48 23.49 -0.95
C ALA C 30 4.98 23.32 -1.10
N ARG C 31 5.69 23.54 0.01
CA ARG C 31 7.14 23.41 0.13
C ARG C 31 7.52 22.15 0.89
N ASP C 32 8.46 21.39 0.37
CA ASP C 32 8.84 20.18 1.07
C ASP C 32 10.01 20.49 1.94
N LEU C 33 9.79 21.35 2.93
CA LEU C 33 10.87 21.69 3.82
C LEU C 33 11.25 20.49 4.63
N LYS C 34 10.30 19.55 4.77
CA LYS C 34 10.45 18.26 5.50
C LYS C 34 11.93 17.81 5.38
N ASN C 35 12.46 18.01 4.18
CA ASN C 35 13.85 17.74 3.89
C ASN C 35 14.37 19.09 3.41
N GLY C 36 13.62 19.75 2.52
CA GLY C 36 14.07 21.05 2.05
C GLY C 36 13.82 21.45 0.60
N GLY C 37 13.28 22.66 0.49
CA GLY C 37 12.96 23.27 -0.80
C GLY C 37 11.73 22.76 -1.55
N ARG C 38 12.03 22.03 -2.61
CA ARG C 38 11.07 21.43 -3.53
C ARG C 38 9.56 21.66 -3.33
N PHE C 39 8.94 22.20 -4.38
CA PHE C 39 7.52 22.44 -4.39
C PHE C 39 6.86 21.07 -4.41
N VAL C 40 5.64 20.99 -3.90
CA VAL C 40 4.96 19.71 -3.82
C VAL C 40 3.45 19.93 -3.97
N ALA C 41 2.69 18.89 -4.28
CA ALA C 41 1.26 19.10 -4.43
C ALA C 41 0.45 18.31 -3.41
N LEU C 42 -0.52 19.01 -2.80
CA LEU C 42 -1.39 18.44 -1.78
C LEU C 42 -2.80 18.27 -2.27
N LYS C 43 -3.25 17.02 -2.25
CA LYS C 43 -4.59 16.63 -2.65
C LYS C 43 -5.21 16.06 -1.35
N ARG C 44 -6.13 16.86 -0.75
CA ARG C 44 -6.86 16.55 0.50
C ARG C 44 -7.86 15.39 0.26
N VAL C 45 -7.86 14.35 1.10
CA VAL C 45 -8.78 13.22 0.90
C VAL C 45 -9.43 12.59 2.13
N ARG C 46 -10.76 12.57 2.11
CA ARG C 46 -11.56 11.99 3.18
C ARG C 46 -12.01 10.62 2.70
N VAL C 47 -12.04 9.62 3.59
CA VAL C 47 -12.48 8.27 3.21
C VAL C 47 -13.77 7.83 3.91
N GLN C 48 -13.84 8.07 5.21
CA GLN C 48 -15.02 7.70 6.00
C GLN C 48 -14.95 8.32 7.41
N GLU C 72 7.17 1.79 -8.84
CA GLU C 72 7.79 3.08 -9.06
C GLU C 72 8.03 3.39 -10.54
N HIS C 73 7.77 4.64 -10.91
CA HIS C 73 8.02 5.02 -12.28
C HIS C 73 8.50 6.41 -12.56
N PRO C 74 9.63 6.53 -13.26
CA PRO C 74 10.18 7.84 -13.60
C PRO C 74 9.21 8.78 -14.31
N ASN C 75 8.30 8.24 -15.09
CA ASN C 75 7.38 9.09 -15.80
C ASN C 75 6.02 9.24 -15.17
N VAL C 76 5.98 9.13 -13.87
CA VAL C 76 4.72 9.29 -13.21
C VAL C 76 5.08 9.95 -11.91
N VAL C 77 4.25 10.92 -11.60
CA VAL C 77 4.35 11.69 -10.42
C VAL C 77 4.27 10.67 -9.25
N ARG C 78 5.22 10.75 -8.34
CA ARG C 78 5.30 9.85 -7.20
C ARG C 78 4.47 10.34 -6.05
N LEU C 79 3.86 9.41 -5.34
CA LEU C 79 3.12 9.85 -4.16
C LEU C 79 4.24 9.86 -3.16
N PHE C 80 4.35 10.97 -2.43
CA PHE C 80 5.39 11.12 -1.42
C PHE C 80 4.96 10.86 -0.01
N ASP C 81 3.75 11.26 0.34
CA ASP C 81 3.31 11.11 1.71
C ASP C 81 1.81 11.00 1.84
N VAL C 82 1.40 10.56 3.02
CA VAL C 82 0.00 10.40 3.32
C VAL C 82 -0.25 10.94 4.70
N CYS C 83 -0.30 12.25 4.85
CA CYS C 83 -0.54 12.82 6.18
C CYS C 83 -1.97 12.56 6.65
N THR C 84 -2.13 12.15 7.91
CA THR C 84 -3.46 11.90 8.47
C THR C 84 -3.87 13.21 9.16
N VAL C 85 -4.88 13.90 8.63
CA VAL C 85 -5.32 15.19 9.19
C VAL C 85 -6.36 15.05 10.31
N SER C 86 -6.85 13.84 10.51
CA SER C 86 -7.79 13.57 11.57
C SER C 86 -7.77 12.07 11.66
N ARG C 87 -7.68 11.58 12.89
CA ARG C 87 -7.72 10.15 13.14
C ARG C 87 -9.23 9.84 13.13
N THR C 92 -11.77 9.24 8.27
CA THR C 92 -10.34 9.59 8.16
C THR C 92 -10.06 10.58 7.05
N LYS C 93 -9.22 11.56 7.39
CA LYS C 93 -8.79 12.60 6.47
C LYS C 93 -7.33 12.30 6.20
N LEU C 94 -6.98 12.32 4.93
CA LEU C 94 -5.62 12.09 4.52
C LEU C 94 -5.25 13.31 3.72
N THR C 95 -3.98 13.45 3.45
CA THR C 95 -3.48 14.55 2.66
C THR C 95 -2.37 13.87 1.94
N LEU C 96 -2.54 13.76 0.65
CA LEU C 96 -1.54 13.11 -0.13
C LEU C 96 -0.61 14.18 -0.60
N VAL C 97 0.67 13.88 -0.50
CA VAL C 97 1.70 14.81 -0.92
C VAL C 97 2.34 14.16 -2.10
N PHE C 98 2.28 14.87 -3.22
CA PHE C 98 2.80 14.37 -4.47
C PHE C 98 3.94 15.13 -5.06
N GLU C 99 4.62 14.44 -5.94
CA GLU C 99 5.72 15.02 -6.66
C GLU C 99 5.07 16.14 -7.51
N HIS C 100 5.81 17.18 -7.83
CA HIS C 100 5.20 18.21 -8.62
C HIS C 100 6.24 18.89 -9.46
N VAL C 101 5.85 19.40 -10.61
CA VAL C 101 6.79 20.04 -11.50
C VAL C 101 6.30 21.36 -12.03
N ASP C 102 7.19 22.33 -12.10
CA ASP C 102 6.75 23.64 -12.58
C ASP C 102 6.78 23.88 -14.04
N GLN C 103 6.16 22.95 -14.77
CA GLN C 103 6.03 23.04 -16.21
C GLN C 103 5.19 21.91 -16.78
N ASP C 104 4.25 22.25 -17.63
CA ASP C 104 3.49 21.22 -18.25
C ASP C 104 3.73 21.26 -19.74
N LEU C 105 3.25 20.21 -20.42
CA LEU C 105 3.48 20.07 -21.83
C LEU C 105 3.07 21.29 -22.61
N THR C 106 2.05 21.98 -22.11
CA THR C 106 1.54 23.15 -22.80
C THR C 106 2.48 24.36 -22.77
N THR C 107 2.86 24.81 -21.58
CA THR C 107 3.73 25.98 -21.43
C THR C 107 5.02 25.73 -22.19
N TYR C 108 5.44 24.50 -22.24
CA TYR C 108 6.64 24.17 -22.95
C TYR C 108 6.46 24.38 -24.45
N LEU C 109 5.42 23.79 -25.01
CA LEU C 109 5.14 23.91 -26.45
C LEU C 109 4.85 25.35 -26.78
N ASP C 110 4.06 25.95 -25.91
CA ASP C 110 3.70 27.32 -26.09
C ASP C 110 4.95 28.21 -25.96
N LYS C 111 6.08 27.60 -25.63
CA LYS C 111 7.31 28.34 -25.42
C LYS C 111 8.35 28.15 -26.47
N VAL C 112 8.46 26.93 -27.00
CA VAL C 112 9.48 26.57 -27.99
C VAL C 112 9.60 27.48 -29.19
N PRO C 113 10.83 27.59 -29.72
CA PRO C 113 11.26 28.39 -30.89
C PRO C 113 10.48 28.12 -32.16
N GLU C 114 10.16 29.19 -32.89
CA GLU C 114 9.38 29.11 -34.12
C GLU C 114 9.48 27.85 -34.98
N PRO C 115 10.68 27.25 -35.11
CA PRO C 115 10.71 26.03 -35.93
C PRO C 115 9.98 24.88 -35.25
N GLY C 116 10.11 24.77 -33.92
CA GLY C 116 9.45 23.71 -33.21
C GLY C 116 10.28 22.75 -32.37
N VAL C 117 9.56 21.89 -31.65
CA VAL C 117 10.15 20.87 -30.79
C VAL C 117 10.99 20.04 -31.72
N PRO C 118 12.19 19.68 -31.30
CA PRO C 118 13.00 18.87 -32.19
C PRO C 118 12.50 17.43 -32.31
N THR C 119 12.49 16.96 -33.53
CA THR C 119 12.08 15.62 -33.89
C THR C 119 12.29 14.55 -32.82
N GLU C 120 13.53 14.50 -32.37
CA GLU C 120 13.92 13.52 -31.38
C GLU C 120 13.36 13.85 -30.04
N THR C 121 13.15 15.15 -29.79
CA THR C 121 12.59 15.60 -28.54
C THR C 121 11.18 15.03 -28.47
N ILE C 122 10.42 15.26 -29.54
CA ILE C 122 9.07 14.73 -29.65
C ILE C 122 9.07 13.21 -29.41
N LYS C 123 9.86 12.53 -30.24
CA LYS C 123 10.03 11.09 -30.20
C LYS C 123 10.26 10.65 -28.74
N ASP C 124 11.08 11.44 -28.05
CA ASP C 124 11.49 11.20 -26.67
C ASP C 124 10.41 11.33 -25.61
N MET C 125 9.74 12.50 -25.61
CA MET C 125 8.67 12.83 -24.67
C MET C 125 7.61 11.77 -24.89
N MET C 126 7.32 11.64 -26.17
CA MET C 126 6.38 10.68 -26.69
C MET C 126 6.67 9.28 -26.12
N PHE C 127 7.93 8.85 -26.14
CA PHE C 127 8.28 7.51 -25.66
C PHE C 127 7.96 7.36 -24.19
N GLN C 128 8.34 8.39 -23.43
CA GLN C 128 8.14 8.41 -21.99
C GLN C 128 6.66 8.48 -21.69
N LEU C 129 5.99 9.37 -22.39
CA LEU C 129 4.56 9.53 -22.23
C LEU C 129 3.90 8.17 -22.35
N LEU C 130 4.36 7.36 -23.29
CA LEU C 130 3.83 6.04 -23.49
C LEU C 130 4.31 5.10 -22.41
N ARG C 131 5.61 5.17 -22.16
CA ARG C 131 6.26 4.35 -21.17
C ARG C 131 5.51 4.40 -19.82
N GLY C 132 5.25 5.61 -19.32
CA GLY C 132 4.55 5.72 -18.05
C GLY C 132 3.10 5.32 -18.21
N LEU C 133 2.58 5.53 -19.41
CA LEU C 133 1.22 5.22 -19.76
C LEU C 133 1.05 3.74 -19.59
N ASP C 134 1.92 3.01 -20.28
CA ASP C 134 1.94 1.56 -20.22
C ASP C 134 1.98 1.09 -18.75
N PHE C 135 2.92 1.64 -17.99
CA PHE C 135 3.06 1.35 -16.55
C PHE C 135 1.72 1.53 -15.82
N LEU C 136 0.98 2.58 -16.16
CA LEU C 136 -0.30 2.85 -15.53
C LEU C 136 -1.30 1.79 -15.86
N HIS C 137 -1.40 1.53 -17.15
CA HIS C 137 -2.33 0.56 -17.66
C HIS C 137 -2.18 -0.77 -16.96
N SER C 138 -1.00 -1.40 -17.10
CA SER C 138 -0.78 -2.63 -16.37
C SER C 138 -0.90 -2.06 -14.96
N HIS C 139 -1.15 -2.90 -13.97
CA HIS C 139 -1.43 -2.43 -12.62
C HIS C 139 -2.86 -1.86 -12.75
N ARG C 140 -3.55 -2.31 -13.81
CA ARG C 140 -4.93 -1.94 -14.18
C ARG C 140 -5.43 -0.59 -13.70
N VAL C 141 -4.79 0.44 -14.21
CA VAL C 141 -5.18 1.80 -13.90
C VAL C 141 -5.43 2.43 -15.22
N VAL C 142 -6.43 3.28 -15.30
CA VAL C 142 -6.70 3.94 -16.56
C VAL C 142 -6.74 5.41 -16.27
N HIS C 143 -5.88 6.15 -16.96
CA HIS C 143 -5.80 7.56 -16.70
C HIS C 143 -7.08 8.30 -16.93
N ARG C 144 -7.69 8.03 -18.06
CA ARG C 144 -8.92 8.69 -18.44
C ARG C 144 -8.88 10.23 -18.71
N ASP C 145 -7.82 10.94 -18.29
CA ASP C 145 -7.78 12.40 -18.50
C ASP C 145 -6.44 12.90 -19.04
N LEU C 146 -6.03 12.36 -20.17
CA LEU C 146 -4.74 12.72 -20.70
C LEU C 146 -4.52 14.05 -21.41
N LYS C 147 -5.04 15.14 -20.88
CA LYS C 147 -4.85 16.41 -21.55
C LYS C 147 -3.40 16.79 -21.34
N PRO C 148 -2.91 17.78 -22.10
CA PRO C 148 -1.52 18.21 -21.96
C PRO C 148 -1.24 18.95 -20.68
N GLN C 149 -2.26 19.26 -19.92
CA GLN C 149 -2.08 19.94 -18.65
C GLN C 149 -1.82 18.91 -17.58
N ASN C 150 -2.24 17.67 -17.82
CA ASN C 150 -1.91 16.64 -16.85
C ASN C 150 -0.52 16.07 -17.28
N ILE C 151 0.12 16.68 -18.28
CA ILE C 151 1.45 16.23 -18.74
C ILE C 151 2.57 17.19 -18.27
N LEU C 152 3.34 16.80 -17.25
CA LEU C 152 4.43 17.64 -16.75
C LEU C 152 5.73 17.33 -17.44
N VAL C 153 6.50 18.38 -17.70
CA VAL C 153 7.75 18.23 -18.39
C VAL C 153 8.79 18.96 -17.61
N THR C 154 9.88 18.30 -17.26
CA THR C 154 10.86 19.00 -16.48
C THR C 154 11.79 19.77 -17.36
N SER C 155 12.45 20.74 -16.74
CA SER C 155 13.41 21.58 -17.39
C SER C 155 14.38 20.66 -18.08
N SER C 156 14.56 19.50 -17.46
CA SER C 156 15.45 18.49 -17.98
C SER C 156 14.76 17.94 -19.24
N GLY C 157 13.47 17.68 -19.14
CA GLY C 157 12.75 17.13 -20.28
C GLY C 157 12.13 15.81 -19.88
N GLN C 158 12.23 15.44 -18.62
CA GLN C 158 11.62 14.18 -18.22
C GLN C 158 10.13 14.45 -18.13
N ILE C 159 9.35 13.49 -18.60
CA ILE C 159 7.91 13.59 -18.58
C ILE C 159 7.37 12.76 -17.44
N LYS C 160 6.44 13.34 -16.71
CA LYS C 160 5.81 12.68 -15.59
C LYS C 160 4.31 12.97 -15.69
N LEU C 161 3.47 11.95 -15.82
CA LEU C 161 2.03 12.19 -15.93
C LEU C 161 1.46 12.61 -14.57
N ALA C 162 0.31 13.26 -14.57
CA ALA C 162 -0.31 13.71 -13.34
C ALA C 162 -1.80 13.64 -13.49
N ASP C 163 -2.55 14.08 -12.48
CA ASP C 163 -4.01 14.01 -12.57
C ASP C 163 -4.59 14.96 -11.56
N PHE C 164 -4.79 16.20 -11.93
CA PHE C 164 -5.34 17.11 -10.95
C PHE C 164 -6.86 17.23 -10.96
N GLY C 165 -7.46 16.70 -12.03
CA GLY C 165 -8.89 16.75 -12.15
C GLY C 165 -9.34 18.19 -12.20
N LEU C 166 -8.49 19.07 -12.73
CA LEU C 166 -8.83 20.47 -12.81
C LEU C 166 -9.24 20.71 -14.23
N ALA C 167 -10.18 21.63 -14.43
CA ALA C 167 -10.70 21.97 -15.76
C ALA C 167 -10.05 23.22 -16.26
N ARG C 168 -10.31 23.55 -17.53
CA ARG C 168 -9.73 24.74 -18.15
C ARG C 168 -10.81 25.11 -19.10
N ILE C 169 -11.25 26.36 -19.08
CA ILE C 169 -12.34 26.63 -19.97
C ILE C 169 -12.07 27.57 -21.12
N TYR C 170 -11.97 27.00 -22.30
CA TYR C 170 -11.72 27.75 -23.51
C TYR C 170 -12.91 28.57 -24.00
N SER C 171 -12.70 29.86 -24.23
CA SER C 171 -13.77 30.69 -24.78
C SER C 171 -13.52 30.64 -26.28
N PHE C 172 -14.53 30.79 -27.09
CA PHE C 172 -14.27 30.64 -28.51
C PHE C 172 -13.96 31.78 -29.45
N GLN C 173 -13.12 31.42 -30.42
CA GLN C 173 -12.66 32.33 -31.45
C GLN C 173 -13.67 32.40 -32.58
N MET C 174 -14.04 33.64 -32.90
CA MET C 174 -14.97 33.99 -33.97
C MET C 174 -16.39 34.21 -33.47
N ALA C 175 -17.03 35.23 -34.04
CA ALA C 175 -18.40 35.66 -33.76
C ALA C 175 -19.20 34.90 -32.69
N LEU C 176 -19.81 33.79 -33.11
CA LEU C 176 -20.64 32.92 -32.25
C LEU C 176 -19.76 32.26 -31.18
N THR C 177 -19.09 33.10 -30.39
CA THR C 177 -18.23 32.62 -29.35
C THR C 177 -19.09 31.90 -28.32
N SER C 178 -18.48 30.90 -27.68
CA SER C 178 -19.09 30.07 -26.63
C SER C 178 -18.00 29.20 -25.96
N VAL C 179 -18.11 29.04 -24.66
CA VAL C 179 -17.15 28.27 -23.91
C VAL C 179 -17.19 26.78 -24.14
N VAL C 180 -16.07 26.15 -23.82
CA VAL C 180 -15.95 24.73 -23.88
C VAL C 180 -14.85 24.39 -22.89
N VAL C 181 -15.02 23.28 -22.18
CA VAL C 181 -14.02 22.77 -21.24
C VAL C 181 -13.23 21.83 -22.17
N THR C 182 -11.94 21.58 -21.96
CA THR C 182 -11.29 20.70 -22.92
C THR C 182 -11.40 19.09 -22.91
N LEU C 183 -12.26 18.71 -23.85
CA LEU C 183 -12.68 17.37 -24.16
C LEU C 183 -12.05 17.05 -25.49
N TRP C 184 -11.25 17.99 -25.98
CA TRP C 184 -10.59 17.82 -27.25
C TRP C 184 -9.69 16.61 -27.25
N TYR C 185 -9.51 16.02 -26.07
CA TYR C 185 -8.69 14.84 -25.95
C TYR C 185 -9.56 13.64 -25.61
N ARG C 186 -10.91 13.80 -25.58
CA ARG C 186 -11.78 12.66 -25.26
C ARG C 186 -12.02 11.75 -26.46
N ALA C 187 -11.84 10.46 -26.22
CA ALA C 187 -12.02 9.43 -27.23
C ALA C 187 -13.48 9.35 -27.72
N PRO C 188 -13.71 8.80 -28.94
CA PRO C 188 -15.04 8.64 -29.56
C PRO C 188 -15.96 7.82 -28.65
N GLU C 189 -15.43 6.69 -28.24
CA GLU C 189 -16.07 5.76 -27.34
C GLU C 189 -16.74 6.52 -26.21
N VAL C 190 -16.04 7.51 -25.68
CA VAL C 190 -16.51 8.32 -24.59
C VAL C 190 -17.46 9.41 -25.04
N LEU C 191 -17.18 10.06 -26.14
CA LEU C 191 -18.09 11.11 -26.59
C LEU C 191 -19.43 10.43 -26.91
N LEU C 192 -19.29 9.22 -27.43
CA LEU C 192 -20.41 8.43 -27.83
C LEU C 192 -21.03 7.79 -26.62
N GLN C 193 -20.31 7.81 -25.52
CA GLN C 193 -20.80 7.19 -24.31
C GLN C 193 -21.04 5.71 -24.53
N SER C 194 -20.17 5.05 -25.28
CA SER C 194 -20.34 3.63 -25.50
C SER C 194 -19.35 3.00 -24.58
N SER C 195 -18.09 3.02 -25.02
CA SER C 195 -16.99 2.44 -24.29
C SER C 195 -16.27 3.50 -23.43
N TYR C 196 -15.46 3.01 -22.49
CA TYR C 196 -14.66 3.80 -21.55
C TYR C 196 -13.50 2.88 -21.16
N ALA C 197 -13.18 2.00 -22.11
CA ALA C 197 -12.12 1.04 -21.91
C ALA C 197 -10.76 1.69 -21.96
N THR C 198 -9.74 0.93 -21.60
CA THR C 198 -8.39 1.44 -21.61
C THR C 198 -7.90 2.16 -22.87
N PRO C 199 -8.30 1.68 -24.06
CA PRO C 199 -7.84 2.33 -25.28
C PRO C 199 -8.15 3.81 -25.29
N VAL C 200 -9.08 4.16 -24.42
CA VAL C 200 -9.51 5.51 -24.19
C VAL C 200 -8.24 6.38 -24.10
N ASP C 201 -7.28 5.97 -23.27
CA ASP C 201 -6.04 6.72 -23.05
C ASP C 201 -5.18 6.85 -24.28
N LEU C 202 -5.23 5.81 -25.12
CA LEU C 202 -4.47 5.85 -26.33
C LEU C 202 -4.92 6.91 -27.30
N TRP C 203 -6.23 7.09 -27.42
CA TRP C 203 -6.81 8.12 -28.28
C TRP C 203 -6.16 9.43 -27.83
N SER C 204 -6.26 9.70 -26.54
CA SER C 204 -5.71 10.89 -25.94
C SER C 204 -4.24 11.06 -26.30
N VAL C 205 -3.43 9.99 -26.28
CA VAL C 205 -2.00 10.18 -26.63
C VAL C 205 -1.80 10.57 -28.07
N GLY C 206 -2.61 10.03 -28.95
CA GLY C 206 -2.42 10.39 -30.34
C GLY C 206 -2.71 11.88 -30.52
N CYS C 207 -3.74 12.32 -29.80
CA CYS C 207 -4.15 13.72 -29.84
C CYS C 207 -3.00 14.65 -29.40
N ILE C 208 -2.24 14.13 -28.45
CA ILE C 208 -1.14 14.85 -27.90
C ILE C 208 0.03 14.78 -28.88
N PHE C 209 0.37 13.59 -29.31
CA PHE C 209 1.45 13.36 -30.26
C PHE C 209 1.31 14.39 -31.37
N ALA C 210 0.10 14.44 -31.89
CA ALA C 210 -0.26 15.37 -32.94
C ALA C 210 0.11 16.75 -32.51
N GLU C 211 -0.38 17.16 -31.34
CA GLU C 211 -0.11 18.47 -30.81
C GLU C 211 1.38 18.74 -30.51
N MET C 212 2.22 17.73 -30.54
CA MET C 212 3.61 18.08 -30.33
C MET C 212 4.13 18.60 -31.64
N PHE C 213 3.70 18.01 -32.75
CA PHE C 213 4.13 18.52 -34.07
C PHE C 213 3.41 19.85 -34.36
N ARG C 214 2.20 19.94 -33.86
CA ARG C 214 1.32 21.06 -34.07
C ARG C 214 1.45 22.30 -33.22
N ARG C 215 1.73 22.09 -31.95
CA ARG C 215 1.77 23.21 -31.01
C ARG C 215 0.41 23.96 -31.01
N LYS C 216 -0.66 23.22 -31.30
CA LYS C 216 -2.03 23.69 -31.24
C LYS C 216 -2.86 22.39 -31.25
N PRO C 217 -3.86 22.28 -30.33
CA PRO C 217 -4.72 21.09 -30.23
C PRO C 217 -5.22 20.65 -31.59
N LEU C 218 -5.31 19.35 -31.83
CA LEU C 218 -5.75 18.90 -33.16
C LEU C 218 -7.26 19.09 -33.40
N PHE C 219 -8.06 18.32 -32.68
CA PHE C 219 -9.51 18.39 -32.81
C PHE C 219 -10.12 19.34 -31.75
N ARG C 220 -10.58 20.53 -32.14
CA ARG C 220 -11.13 21.45 -31.13
C ARG C 220 -12.55 21.98 -31.30
N GLY C 221 -13.53 21.16 -30.93
CA GLY C 221 -14.91 21.58 -31.03
C GLY C 221 -15.50 22.10 -29.72
N SER C 222 -16.80 22.41 -29.77
CA SER C 222 -17.54 22.94 -28.62
C SER C 222 -18.61 22.01 -28.05
N SER C 223 -18.99 20.98 -28.79
CA SER C 223 -19.99 20.08 -28.26
C SER C 223 -19.55 18.69 -28.56
N ASP C 224 -20.09 17.76 -27.80
CA ASP C 224 -19.77 16.36 -28.01
C ASP C 224 -20.02 15.95 -29.49
N VAL C 225 -21.15 16.41 -30.03
CA VAL C 225 -21.48 16.09 -31.40
C VAL C 225 -20.59 16.85 -32.35
N ASP C 226 -20.25 18.07 -31.98
CA ASP C 226 -19.37 18.92 -32.78
C ASP C 226 -17.96 18.32 -32.82
N GLN C 227 -17.54 17.84 -31.66
CA GLN C 227 -16.25 17.27 -31.52
C GLN C 227 -16.22 16.07 -32.48
N LEU C 228 -17.27 15.26 -32.42
CA LEU C 228 -17.34 14.11 -33.29
C LEU C 228 -17.15 14.50 -34.70
N GLY C 229 -17.74 15.65 -35.05
CA GLY C 229 -17.64 16.15 -36.40
C GLY C 229 -16.18 16.27 -36.72
N LYS C 230 -15.54 17.15 -35.99
CA LYS C 230 -14.13 17.42 -36.19
C LYS C 230 -13.27 16.16 -36.36
N ILE C 231 -13.40 15.18 -35.47
CA ILE C 231 -12.60 13.97 -35.57
C ILE C 231 -12.79 13.37 -36.95
N LEU C 232 -14.04 13.16 -37.28
CA LEU C 232 -14.40 12.60 -38.55
C LEU C 232 -13.89 13.35 -39.77
N ASP C 233 -13.96 14.68 -39.84
CA ASP C 233 -13.44 15.35 -41.05
C ASP C 233 -12.03 14.87 -41.38
N VAL C 234 -11.25 14.55 -40.36
CA VAL C 234 -9.91 14.09 -40.61
C VAL C 234 -9.90 12.59 -40.82
N ILE C 235 -10.18 11.85 -39.77
CA ILE C 235 -10.13 10.41 -39.86
C ILE C 235 -11.16 9.78 -40.80
N GLY C 236 -12.22 10.53 -41.09
CA GLY C 236 -13.29 10.07 -42.00
C GLY C 236 -14.39 9.18 -41.38
N LEU C 237 -15.59 9.18 -41.96
CA LEU C 237 -16.69 8.39 -41.38
C LEU C 237 -16.29 6.93 -41.26
N PRO C 238 -16.07 6.41 -40.03
CA PRO C 238 -15.71 5.00 -39.95
C PRO C 238 -16.77 4.16 -40.61
N GLY C 239 -16.54 2.86 -40.67
CA GLY C 239 -17.49 1.99 -41.31
C GLY C 239 -18.60 1.65 -40.35
N GLU C 240 -19.79 1.41 -40.89
CA GLU C 240 -20.96 1.07 -40.09
C GLU C 240 -20.57 -0.01 -39.08
N GLU C 241 -19.65 -0.86 -39.50
CA GLU C 241 -19.20 -1.96 -38.66
C GLU C 241 -18.21 -1.59 -37.57
N ASP C 242 -17.86 -0.31 -37.51
CA ASP C 242 -16.91 0.18 -36.53
C ASP C 242 -17.57 1.06 -35.46
N TRP C 243 -18.81 1.48 -35.74
CA TRP C 243 -19.62 2.31 -34.85
C TRP C 243 -20.49 1.38 -34.01
N PRO C 244 -20.79 1.74 -32.76
CA PRO C 244 -21.60 0.92 -31.84
C PRO C 244 -23.16 1.12 -31.83
N ARG C 245 -23.97 0.09 -31.45
CA ARG C 245 -25.46 0.18 -31.45
C ARG C 245 -26.17 1.25 -30.60
N ASP C 246 -26.49 0.89 -29.35
CA ASP C 246 -27.16 1.79 -28.42
C ASP C 246 -26.98 3.27 -28.76
N VAL C 247 -25.74 3.73 -28.70
CA VAL C 247 -25.39 5.12 -28.96
C VAL C 247 -26.48 6.11 -29.43
N ALA C 248 -26.56 7.22 -28.72
CA ALA C 248 -27.48 8.30 -29.04
C ALA C 248 -27.08 8.96 -30.41
N LEU C 249 -25.78 8.97 -30.72
CA LEU C 249 -25.32 9.50 -32.02
C LEU C 249 -24.88 8.36 -32.96
N PRO C 250 -25.80 7.89 -33.81
CA PRO C 250 -25.49 6.81 -34.75
C PRO C 250 -24.74 7.32 -35.94
N ARG C 251 -24.04 6.41 -36.59
CA ARG C 251 -23.26 6.72 -37.76
C ARG C 251 -24.05 7.55 -38.77
N GLN C 252 -25.32 7.22 -38.92
CA GLN C 252 -26.14 7.94 -39.89
C GLN C 252 -26.30 9.41 -39.66
N ALA C 253 -26.00 9.81 -38.43
CA ALA C 253 -26.13 11.17 -38.01
C ALA C 253 -25.07 12.00 -38.67
N PHE C 254 -24.05 11.30 -39.17
CA PHE C 254 -22.91 11.95 -39.78
C PHE C 254 -22.72 11.65 -41.27
N HIS C 255 -22.03 12.57 -41.95
CA HIS C 255 -21.68 12.50 -43.39
C HIS C 255 -20.49 11.57 -43.59
N SER C 256 -20.21 11.22 -44.83
CA SER C 256 -19.07 10.34 -45.10
C SER C 256 -17.83 11.15 -45.27
N LYS C 257 -18.04 12.28 -45.96
CA LYS C 257 -17.00 13.22 -46.30
C LYS C 257 -15.55 12.84 -46.01
N SER C 258 -14.91 12.39 -47.09
CA SER C 258 -13.49 12.02 -47.16
C SER C 258 -12.89 10.93 -46.20
N ALA C 259 -11.67 11.27 -45.75
CA ALA C 259 -10.77 10.54 -44.84
C ALA C 259 -9.43 11.24 -45.13
N GLN C 260 -9.42 12.57 -44.96
CA GLN C 260 -8.25 13.40 -45.22
C GLN C 260 -6.97 12.87 -44.63
N PRO C 261 -5.85 13.04 -45.37
CA PRO C 261 -4.49 12.61 -45.02
C PRO C 261 -4.00 13.41 -43.82
N ILE C 262 -3.97 12.75 -42.66
CA ILE C 262 -3.62 13.39 -41.41
C ILE C 262 -2.50 14.39 -41.48
N GLU C 263 -1.53 14.11 -42.34
CA GLU C 263 -0.39 14.98 -42.47
C GLU C 263 -0.67 16.41 -42.94
N LYS C 264 -1.86 16.69 -43.43
CA LYS C 264 -2.09 18.07 -43.82
C LYS C 264 -2.56 18.81 -42.57
N PHE C 265 -2.40 18.14 -41.43
CA PHE C 265 -2.79 18.66 -40.13
C PHE C 265 -1.61 18.56 -39.19
N VAL C 266 -1.15 17.35 -38.95
CA VAL C 266 0.02 17.17 -38.11
C VAL C 266 1.20 17.41 -39.04
N THR C 267 1.37 18.67 -39.34
CA THR C 267 2.42 19.10 -40.24
C THR C 267 3.79 18.56 -39.81
N ASP C 268 4.53 18.04 -40.78
CA ASP C 268 5.88 17.58 -40.53
C ASP C 268 6.13 16.29 -39.81
N ILE C 269 5.09 15.51 -39.59
CA ILE C 269 5.36 14.24 -38.95
C ILE C 269 6.10 13.45 -40.03
N ASP C 270 6.65 12.32 -39.62
CA ASP C 270 7.37 11.44 -40.53
C ASP C 270 6.44 10.28 -40.82
N GLU C 271 6.86 9.40 -41.73
CA GLU C 271 6.04 8.25 -42.08
C GLU C 271 5.84 7.27 -40.91
N LEU C 272 6.90 6.95 -40.17
CA LEU C 272 6.78 6.01 -39.03
C LEU C 272 5.90 6.53 -37.89
N GLY C 273 5.88 7.87 -37.79
CA GLY C 273 5.10 8.54 -36.78
C GLY C 273 3.69 8.51 -37.29
N LYS C 274 3.51 8.91 -38.55
CA LYS C 274 2.18 8.94 -39.15
C LYS C 274 1.45 7.64 -38.82
N ASP C 275 2.18 6.54 -38.96
CA ASP C 275 1.65 5.22 -38.67
C ASP C 275 1.17 5.11 -37.20
N LEU C 276 2.07 5.45 -36.27
CA LEU C 276 1.75 5.38 -34.85
C LEU C 276 0.62 6.33 -34.50
N LEU C 277 0.68 7.54 -35.04
CA LEU C 277 -0.34 8.55 -34.80
C LEU C 277 -1.72 7.93 -35.13
N LEU C 278 -1.88 7.53 -36.40
CA LEU C 278 -3.11 6.92 -36.86
C LEU C 278 -3.41 5.65 -36.09
N LYS C 279 -2.39 4.96 -35.56
CA LYS C 279 -2.70 3.74 -34.80
C LYS C 279 -3.38 4.04 -33.48
N CYS C 280 -3.22 5.30 -33.02
CA CYS C 280 -3.85 5.81 -31.79
C CYS C 280 -5.20 6.39 -32.18
N LEU C 281 -5.14 7.33 -33.11
CA LEU C 281 -6.30 8.00 -33.62
C LEU C 281 -7.25 7.07 -34.42
N THR C 282 -7.51 5.84 -33.93
CA THR C 282 -8.45 4.99 -34.67
C THR C 282 -9.72 4.83 -33.89
N PHE C 283 -10.78 5.31 -34.54
CA PHE C 283 -12.12 5.33 -34.00
C PHE C 283 -12.51 4.08 -33.30
N ASN C 284 -12.29 2.94 -33.92
CA ASN C 284 -12.67 1.74 -33.26
C ASN C 284 -11.65 1.31 -32.22
N PRO C 285 -12.04 1.40 -30.95
CA PRO C 285 -11.17 1.04 -29.82
C PRO C 285 -10.59 -0.38 -29.77
N ALA C 286 -11.30 -1.36 -30.30
CA ALA C 286 -10.72 -2.70 -30.25
C ALA C 286 -9.58 -2.65 -31.25
N LYS C 287 -9.84 -1.97 -32.36
CA LYS C 287 -8.82 -1.89 -33.38
C LYS C 287 -7.88 -0.69 -33.16
N ARG C 288 -7.61 -0.37 -31.90
CA ARG C 288 -6.74 0.77 -31.62
C ARG C 288 -5.48 0.26 -30.94
N ILE C 289 -4.31 0.75 -31.36
CA ILE C 289 -3.05 0.28 -30.77
C ILE C 289 -2.99 0.34 -29.26
N SER C 290 -2.19 -0.55 -28.67
CA SER C 290 -2.02 -0.59 -27.22
C SER C 290 -0.83 0.26 -26.86
N ALA C 291 -0.77 0.69 -25.60
CA ALA C 291 0.36 1.47 -25.15
C ALA C 291 1.57 0.54 -25.30
N TYR C 292 1.47 -0.60 -24.63
CA TYR C 292 2.51 -1.61 -24.67
C TYR C 292 3.07 -1.74 -26.08
N SER C 293 2.16 -1.90 -27.02
CA SER C 293 2.50 -2.08 -28.40
C SER C 293 3.12 -0.85 -29.04
N ALA C 294 2.46 0.28 -28.84
CA ALA C 294 2.90 1.54 -29.41
C ALA C 294 4.35 1.76 -29.09
N LEU C 295 4.66 1.37 -27.86
CA LEU C 295 6.00 1.48 -27.28
C LEU C 295 7.00 0.70 -28.10
N SER C 296 6.57 -0.43 -28.64
CA SER C 296 7.44 -1.29 -29.44
C SER C 296 7.41 -0.89 -30.92
N HIS C 297 6.65 0.13 -31.23
CA HIS C 297 6.54 0.59 -32.60
C HIS C 297 7.87 1.09 -33.20
N PRO C 298 8.05 0.90 -34.51
CA PRO C 298 9.25 1.32 -35.21
C PRO C 298 9.54 2.80 -35.19
N TYR C 299 8.73 3.60 -34.51
CA TYR C 299 9.03 5.03 -34.46
C TYR C 299 10.19 5.14 -33.45
N PHE C 300 10.20 4.20 -32.51
CA PHE C 300 11.23 4.11 -31.48
C PHE C 300 12.11 2.92 -31.83
N GLN C 301 12.81 3.06 -32.95
CA GLN C 301 13.69 2.00 -33.42
C GLN C 301 15.10 2.16 -32.86
N VAL D 6 -7.07 36.41 1.22
CA VAL D 6 -7.46 37.46 0.23
C VAL D 6 -7.90 36.86 -1.12
N ARG D 7 -9.07 37.30 -1.58
CA ARG D 7 -9.67 36.86 -2.84
C ARG D 7 -8.73 36.89 -4.05
N ALA D 8 -8.69 38.02 -4.75
CA ALA D 8 -7.84 38.20 -5.93
C ALA D 8 -6.45 37.66 -5.69
N GLY D 9 -6.00 37.66 -4.45
CA GLY D 9 -4.68 37.10 -4.17
C GLY D 9 -4.75 35.67 -4.64
N ASP D 10 -5.81 35.01 -4.23
CA ASP D 10 -6.05 33.65 -4.63
C ASP D 10 -6.37 33.46 -6.12
N ARG D 11 -7.17 34.36 -6.69
CA ARG D 11 -7.53 34.22 -8.10
C ARG D 11 -6.32 34.37 -9.03
N LEU D 12 -5.43 35.30 -8.68
CA LEU D 12 -4.24 35.54 -9.48
C LEU D 12 -3.16 34.52 -9.22
N SER D 13 -2.99 34.12 -7.96
CA SER D 13 -1.98 33.15 -7.65
C SER D 13 -2.33 31.86 -8.35
N GLY D 14 -3.51 31.30 -8.04
CA GLY D 14 -3.94 30.05 -8.68
C GLY D 14 -3.70 30.04 -10.18
N ALA D 15 -3.99 31.16 -10.84
CA ALA D 15 -3.79 31.27 -12.29
C ALA D 15 -2.32 31.06 -12.59
N ALA D 16 -1.50 31.87 -11.93
CA ALA D 16 -0.07 31.81 -12.07
C ALA D 16 0.36 30.37 -11.91
N ALA D 17 0.06 29.83 -10.74
CA ALA D 17 0.42 28.47 -10.40
C ALA D 17 0.08 27.50 -11.51
N ARG D 18 -1.12 27.60 -12.05
CA ARG D 18 -1.55 26.70 -13.14
C ARG D 18 -0.94 27.06 -14.48
N GLY D 19 -0.21 28.16 -14.52
CA GLY D 19 0.42 28.52 -15.76
C GLY D 19 -0.59 29.05 -16.72
N ASP D 20 -1.76 29.45 -16.25
CA ASP D 20 -2.75 29.99 -17.18
C ASP D 20 -2.38 31.42 -17.46
N VAL D 21 -1.78 31.65 -18.62
CA VAL D 21 -1.35 33.00 -18.96
C VAL D 21 -2.53 33.93 -19.10
N GLN D 22 -3.44 33.53 -19.96
CA GLN D 22 -4.64 34.25 -20.27
C GLN D 22 -5.26 34.85 -19.02
N GLU D 23 -5.62 34.02 -18.04
CA GLU D 23 -6.23 34.52 -16.82
C GLU D 23 -5.36 35.53 -16.16
N VAL D 24 -4.09 35.18 -15.98
CA VAL D 24 -3.16 36.08 -15.35
C VAL D 24 -3.21 37.44 -16.05
N ARG D 25 -3.23 37.42 -17.37
CA ARG D 25 -3.29 38.66 -18.13
C ARG D 25 -4.65 39.32 -17.96
N ARG D 26 -5.69 38.51 -17.78
CA ARG D 26 -7.03 39.06 -17.61
C ARG D 26 -7.14 39.70 -16.24
N LEU D 27 -7.01 38.88 -15.21
CA LEU D 27 -7.09 39.33 -13.83
C LEU D 27 -6.19 40.53 -13.62
N LEU D 28 -5.13 40.64 -14.41
CA LEU D 28 -4.24 41.77 -14.27
C LEU D 28 -4.84 42.99 -14.93
N HIS D 29 -5.18 42.86 -16.21
CA HIS D 29 -5.73 43.96 -17.00
C HIS D 29 -7.22 44.17 -16.80
N ARG D 30 -8.02 43.41 -17.54
CA ARG D 30 -9.49 43.50 -17.49
C ARG D 30 -10.04 43.02 -16.12
N GLU D 31 -9.44 43.48 -15.04
CA GLU D 31 -9.86 43.04 -13.73
C GLU D 31 -9.13 43.94 -12.76
N LEU D 32 -7.87 44.24 -13.07
CA LEU D 32 -7.01 45.13 -12.27
C LEU D 32 -6.52 44.63 -10.91
N VAL D 33 -5.95 43.44 -10.86
CA VAL D 33 -5.47 42.92 -9.59
C VAL D 33 -4.02 43.40 -9.44
N HIS D 34 -3.70 43.80 -8.22
CA HIS D 34 -2.35 44.25 -7.91
C HIS D 34 -1.47 43.03 -7.90
N PRO D 35 -0.47 42.97 -8.77
CA PRO D 35 0.44 41.84 -8.87
C PRO D 35 0.88 41.28 -7.53
N ASP D 36 1.14 42.19 -6.61
CA ASP D 36 1.61 41.81 -5.31
C ASP D 36 0.57 41.27 -4.35
N ALA D 37 -0.69 41.31 -4.77
CA ALA D 37 -1.80 40.85 -3.94
C ALA D 37 -1.55 39.48 -3.32
N LEU D 38 -1.50 39.42 -2.00
CA LEU D 38 -1.25 38.17 -1.31
C LEU D 38 -2.41 37.26 -1.34
N ASN D 39 -2.13 35.97 -1.34
CA ASN D 39 -3.20 34.99 -1.31
C ASN D 39 -3.50 34.71 0.16
N ARG D 40 -4.45 33.82 0.45
CA ARG D 40 -4.77 33.53 1.84
C ARG D 40 -3.64 32.89 2.59
N PHE D 41 -2.53 32.68 1.89
CA PHE D 41 -1.35 32.12 2.51
C PHE D 41 -0.27 33.20 2.55
N GLY D 42 -0.62 34.41 2.09
CA GLY D 42 0.28 35.54 2.14
C GLY D 42 1.43 35.51 1.18
N LYS D 43 1.32 34.67 0.18
CA LYS D 43 2.39 34.66 -0.78
C LYS D 43 1.82 35.43 -1.97
N THR D 44 2.68 36.06 -2.75
CA THR D 44 2.22 36.76 -3.95
C THR D 44 2.30 35.72 -5.09
N ALA D 45 1.75 36.03 -6.26
CA ALA D 45 1.77 35.10 -7.39
C ALA D 45 3.17 34.81 -7.96
N LEU D 46 3.96 35.87 -8.19
CA LEU D 46 5.30 35.68 -8.72
C LEU D 46 6.02 34.65 -7.89
N GLN D 47 5.64 34.58 -6.62
CA GLN D 47 6.22 33.64 -5.70
C GLN D 47 5.84 32.18 -5.91
N VAL D 48 4.57 31.97 -6.22
CA VAL D 48 4.01 30.62 -6.40
C VAL D 48 3.76 30.22 -7.83
N MET D 49 4.07 31.10 -8.77
CA MET D 49 3.83 30.86 -10.17
C MET D 49 4.47 29.60 -10.71
N MET D 50 3.99 29.19 -11.87
CA MET D 50 4.51 28.02 -12.54
C MET D 50 5.88 28.49 -13.06
N PHE D 51 6.91 28.26 -12.26
CA PHE D 51 8.25 28.71 -12.60
C PHE D 51 8.78 28.48 -13.98
N GLY D 52 8.20 27.53 -14.69
CA GLY D 52 8.62 27.24 -16.06
C GLY D 52 7.86 28.07 -17.05
N SER D 53 6.89 28.83 -16.56
CA SER D 53 6.09 29.68 -17.40
C SER D 53 6.66 31.08 -17.42
N THR D 54 7.76 31.24 -18.15
CA THR D 54 8.41 32.53 -18.29
C THR D 54 7.43 33.67 -18.59
N ALA D 55 6.49 33.38 -19.48
CA ALA D 55 5.49 34.34 -19.89
C ALA D 55 4.70 34.88 -18.74
N ILE D 56 4.45 34.02 -17.75
CA ILE D 56 3.70 34.48 -16.58
C ILE D 56 4.60 35.34 -15.72
N ALA D 57 5.83 34.89 -15.57
CA ALA D 57 6.80 35.61 -14.78
C ALA D 57 6.91 36.99 -15.35
N LEU D 58 7.11 37.04 -16.65
CA LEU D 58 7.24 38.29 -17.36
C LEU D 58 6.02 39.14 -17.14
N GLU D 59 4.86 38.62 -17.50
CA GLU D 59 3.65 39.38 -17.35
C GLU D 59 3.51 40.02 -15.97
N LEU D 60 3.81 39.26 -14.93
CA LEU D 60 3.69 39.77 -13.57
C LEU D 60 4.68 40.89 -13.31
N LEU D 61 5.93 40.65 -13.70
CA LEU D 61 7.03 41.61 -13.50
C LEU D 61 6.84 42.87 -14.29
N LYS D 62 6.07 42.79 -15.36
CA LYS D 62 5.84 43.95 -16.18
C LYS D 62 4.76 44.81 -15.57
N GLN D 63 3.86 44.22 -14.79
CA GLN D 63 2.83 45.01 -14.14
C GLN D 63 3.30 45.45 -12.77
N GLY D 64 4.59 45.17 -12.48
CA GLY D 64 5.18 45.53 -11.21
C GLY D 64 5.80 44.28 -10.62
N ALA D 65 5.14 43.77 -9.59
CA ALA D 65 5.56 42.57 -8.91
C ALA D 65 6.98 42.65 -8.38
N SER D 66 7.05 42.81 -7.07
CA SER D 66 8.31 42.92 -6.36
C SER D 66 9.07 41.62 -6.60
N PRO D 67 10.13 41.67 -7.43
CA PRO D 67 10.89 40.46 -7.69
C PRO D 67 11.62 40.02 -6.45
N ASN D 68 11.91 40.99 -5.58
CA ASN D 68 12.63 40.64 -4.38
C ASN D 68 11.67 40.46 -3.24
N VAL D 69 11.43 39.20 -2.89
CA VAL D 69 10.48 38.82 -1.87
C VAL D 69 10.98 37.50 -1.36
N GLN D 70 10.65 37.14 -0.12
CA GLN D 70 11.10 35.87 0.44
C GLN D 70 10.03 35.05 1.15
N ASP D 71 10.35 33.78 1.34
CA ASP D 71 9.48 32.80 1.99
C ASP D 71 9.70 32.80 3.47
N THR D 72 8.92 31.97 4.14
CA THR D 72 9.05 31.79 5.58
C THR D 72 10.47 31.25 5.74
N SER D 73 10.81 30.33 4.87
CA SER D 73 12.12 29.73 4.85
C SER D 73 13.09 30.63 4.05
N GLY D 74 12.78 31.92 3.98
CA GLY D 74 13.60 32.90 3.27
C GLY D 74 13.89 32.64 1.78
N THR D 75 13.16 31.70 1.20
CA THR D 75 13.32 31.33 -0.20
C THR D 75 12.68 32.36 -1.12
N SER D 76 13.03 32.36 -2.40
CA SER D 76 12.44 33.34 -3.27
C SER D 76 12.47 32.95 -4.74
N PRO D 77 11.74 33.70 -5.60
CA PRO D 77 11.66 33.46 -7.05
C PRO D 77 12.96 32.93 -7.63
N VAL D 78 14.07 33.63 -7.38
CA VAL D 78 15.35 33.17 -7.91
C VAL D 78 15.80 31.80 -7.38
N HIS D 79 15.56 31.50 -6.10
CA HIS D 79 15.95 30.21 -5.60
C HIS D 79 15.12 29.20 -6.35
N ASP D 80 13.80 29.40 -6.36
CA ASP D 80 12.91 28.47 -7.01
C ASP D 80 13.32 28.14 -8.46
N ALA D 81 13.45 29.22 -9.25
CA ALA D 81 13.75 29.19 -10.68
C ALA D 81 14.96 28.39 -10.95
N ALA D 82 15.99 28.77 -10.22
CA ALA D 82 17.31 28.16 -10.30
C ALA D 82 17.22 26.72 -9.87
N ARG D 83 16.53 26.47 -8.76
CA ARG D 83 16.42 25.13 -8.28
C ARG D 83 15.66 24.30 -9.27
N THR D 84 14.69 24.93 -9.94
CA THR D 84 13.86 24.21 -10.90
C THR D 84 14.52 24.12 -12.26
N GLY D 85 15.49 24.98 -12.49
CA GLY D 85 16.17 24.95 -13.76
C GLY D 85 15.61 25.90 -14.79
N PHE D 86 14.52 26.62 -14.53
CA PHE D 86 14.06 27.50 -15.61
C PHE D 86 14.84 28.80 -15.68
N LEU D 87 15.97 28.70 -16.34
CA LEU D 87 16.85 29.84 -16.50
C LEU D 87 16.14 30.93 -17.24
N ASP D 88 15.42 30.56 -18.28
CA ASP D 88 14.64 31.50 -19.07
C ASP D 88 13.96 32.50 -18.10
N THR D 89 13.36 31.94 -17.06
CA THR D 89 12.63 32.70 -16.05
C THR D 89 13.58 33.38 -15.04
N LEU D 90 14.67 32.68 -14.76
CA LEU D 90 15.68 33.13 -13.83
C LEU D 90 16.23 34.43 -14.32
N LYS D 91 16.36 34.51 -15.64
CA LYS D 91 16.85 35.69 -16.32
C LYS D 91 15.82 36.74 -16.10
N VAL D 92 14.62 36.52 -16.63
CA VAL D 92 13.52 37.47 -16.47
C VAL D 92 13.51 38.10 -15.09
N LEU D 93 13.52 37.24 -14.08
CA LEU D 93 13.53 37.68 -12.71
C LEU D 93 14.68 38.65 -12.51
N VAL D 94 15.88 38.19 -12.87
CA VAL D 94 17.09 38.98 -12.75
C VAL D 94 16.97 40.26 -13.53
N GLU D 95 16.76 40.15 -14.84
CA GLU D 95 16.61 41.30 -15.71
C GLU D 95 15.65 42.34 -15.12
N HIS D 96 14.84 41.94 -14.16
CA HIS D 96 13.89 42.84 -13.54
C HIS D 96 14.27 43.21 -12.11
N GLY D 97 15.55 43.11 -11.81
CA GLY D 97 16.00 43.46 -10.48
C GLY D 97 16.07 42.39 -9.44
N ALA D 98 15.70 41.16 -9.75
CA ALA D 98 15.79 40.16 -8.72
C ALA D 98 17.25 40.12 -8.26
N ASP D 99 17.47 39.89 -6.97
CA ASP D 99 18.82 39.83 -6.44
C ASP D 99 19.25 38.38 -6.37
N VAL D 100 20.34 38.07 -7.07
CA VAL D 100 20.86 36.70 -7.12
C VAL D 100 21.56 36.26 -5.84
N ASN D 101 22.24 37.19 -5.17
CA ASN D 101 23.01 36.91 -3.94
C ASN D 101 22.21 36.91 -2.63
N VAL D 102 20.93 36.63 -2.73
CA VAL D 102 20.17 36.61 -1.52
C VAL D 102 20.12 35.16 -1.09
N PRO D 103 20.59 34.90 0.13
CA PRO D 103 20.68 33.59 0.81
C PRO D 103 19.33 33.11 1.27
N ASP D 104 19.14 31.81 1.31
CA ASP D 104 17.86 31.28 1.75
C ASP D 104 18.04 31.00 3.23
N GLY D 105 16.98 30.57 3.88
CA GLY D 105 17.06 30.28 5.30
C GLY D 105 18.21 29.38 5.74
N THR D 106 18.58 28.41 4.90
CA THR D 106 19.66 27.53 5.25
C THR D 106 21.00 28.04 4.77
N GLY D 107 21.04 29.28 4.32
CA GLY D 107 22.29 29.83 3.87
C GLY D 107 22.59 29.63 2.40
N ALA D 108 22.04 28.57 1.82
CA ALA D 108 22.23 28.29 0.39
C ALA D 108 21.74 29.46 -0.47
N LEU D 109 22.46 29.81 -1.50
CA LEU D 109 21.89 30.87 -2.32
C LEU D 109 21.59 30.21 -3.68
N PRO D 110 20.89 30.92 -4.57
CA PRO D 110 20.50 30.46 -5.89
C PRO D 110 21.47 29.45 -6.47
N ILE D 111 22.67 29.92 -6.73
CA ILE D 111 23.68 29.09 -7.30
C ILE D 111 23.92 27.78 -6.50
N HIS D 112 23.74 27.82 -5.19
CA HIS D 112 23.92 26.61 -4.41
C HIS D 112 22.91 25.59 -4.93
N LEU D 113 21.68 26.08 -5.07
CA LEU D 113 20.60 25.24 -5.53
C LEU D 113 20.88 24.66 -6.89
N ALA D 114 21.34 25.52 -7.80
CA ALA D 114 21.62 25.07 -9.13
C ALA D 114 22.63 23.96 -9.08
N VAL D 115 23.73 24.18 -8.38
CA VAL D 115 24.73 23.16 -8.30
C VAL D 115 24.13 21.90 -7.74
N GLN D 116 23.42 22.07 -6.65
CA GLN D 116 22.79 20.98 -5.97
C GLN D 116 21.95 20.14 -6.91
N GLU D 117 21.18 20.83 -7.75
CA GLU D 117 20.29 20.19 -8.70
C GLU D 117 21.02 19.79 -9.97
N GLY D 118 22.10 20.47 -10.25
CA GLY D 118 22.84 20.17 -11.45
C GLY D 118 22.43 20.95 -12.68
N HIS D 119 21.85 22.12 -12.52
CA HIS D 119 21.44 22.90 -13.69
C HIS D 119 22.64 23.71 -14.21
N THR D 120 23.49 23.02 -14.96
CA THR D 120 24.70 23.57 -15.54
C THR D 120 24.58 24.98 -16.11
N ALA D 121 23.67 25.20 -17.03
CA ALA D 121 23.60 26.52 -17.62
C ALA D 121 23.22 27.60 -16.66
N VAL D 122 22.54 27.21 -15.60
CA VAL D 122 22.12 28.19 -14.60
C VAL D 122 23.35 28.53 -13.85
N VAL D 123 24.01 27.49 -13.36
CA VAL D 123 25.24 27.61 -12.62
C VAL D 123 26.13 28.52 -13.44
N SER D 124 26.17 28.26 -14.73
CA SER D 124 26.96 29.06 -15.63
C SER D 124 26.47 30.49 -15.55
N PHE D 125 25.18 30.69 -15.80
CA PHE D 125 24.58 32.03 -15.78
C PHE D 125 24.80 32.81 -14.48
N LEU D 126 24.69 32.10 -13.36
CA LEU D 126 24.81 32.68 -12.02
C LEU D 126 26.22 32.95 -11.52
N ALA D 127 27.08 31.95 -11.62
CA ALA D 127 28.48 32.02 -11.15
C ALA D 127 29.09 33.40 -11.24
N ALA D 128 28.94 34.00 -12.42
CA ALA D 128 29.44 35.33 -12.73
C ALA D 128 29.06 36.28 -11.64
N GLU D 129 27.77 36.52 -11.55
CA GLU D 129 27.23 37.45 -10.58
C GLU D 129 27.08 36.93 -9.16
N SER D 130 27.47 35.70 -8.88
CA SER D 130 27.27 35.23 -7.53
C SER D 130 28.51 35.19 -6.67
N ASP D 131 28.28 35.37 -5.38
CA ASP D 131 29.34 35.35 -4.39
C ASP D 131 29.64 33.88 -4.20
N LEU D 132 30.66 33.37 -4.87
CA LEU D 132 30.96 31.95 -4.74
C LEU D 132 31.63 31.60 -3.44
N HIS D 133 31.73 32.59 -2.58
CA HIS D 133 32.33 32.43 -1.28
C HIS D 133 31.26 32.15 -0.21
N ARG D 134 29.98 32.48 -0.45
CA ARG D 134 28.95 32.22 0.58
C ARG D 134 28.92 30.75 0.95
N ARG D 135 28.80 30.52 2.23
CA ARG D 135 28.80 29.18 2.74
C ARG D 135 27.41 28.64 2.91
N ASP D 136 27.33 27.38 2.60
CA ASP D 136 26.13 26.59 2.66
C ASP D 136 25.83 26.41 4.12
N ALA D 137 24.69 25.83 4.42
CA ALA D 137 24.34 25.54 5.80
C ALA D 137 25.35 24.48 6.20
N ARG D 138 25.73 23.64 5.24
CA ARG D 138 26.72 22.61 5.50
C ARG D 138 28.11 23.23 5.37
N GLY D 139 28.17 24.56 5.41
CA GLY D 139 29.43 25.26 5.33
C GLY D 139 30.07 25.35 3.96
N LEU D 140 29.50 24.66 2.98
CA LEU D 140 30.04 24.65 1.62
C LEU D 140 29.85 25.87 0.73
N THR D 141 30.81 26.13 -0.15
CA THR D 141 30.61 27.24 -1.08
C THR D 141 30.13 26.50 -2.32
N PRO D 142 29.68 27.24 -3.34
CA PRO D 142 29.22 26.56 -4.56
C PRO D 142 30.24 25.50 -5.02
N LEU D 143 31.48 25.94 -5.23
CA LEU D 143 32.52 25.02 -5.66
C LEU D 143 32.72 23.82 -4.71
N GLU D 144 32.77 24.09 -3.42
CA GLU D 144 33.01 23.01 -2.48
C GLU D 144 31.89 21.98 -2.60
N LEU D 145 30.69 22.43 -2.93
CA LEU D 145 29.57 21.52 -3.04
C LEU D 145 29.59 20.87 -4.40
N ALA D 146 29.98 21.67 -5.39
CA ALA D 146 30.09 21.19 -6.77
C ALA D 146 31.01 19.99 -6.66
N LEU D 147 32.06 20.18 -5.88
CA LEU D 147 33.04 19.14 -5.61
C LEU D 147 32.42 18.03 -4.76
N GLN D 148 31.82 18.41 -3.65
CA GLN D 148 31.20 17.44 -2.75
C GLN D 148 30.31 16.51 -3.53
N ARG D 149 29.74 17.03 -4.62
CA ARG D 149 28.86 16.27 -5.49
C ARG D 149 29.61 15.49 -6.58
N GLY D 150 30.52 16.16 -7.26
CA GLY D 150 31.27 15.52 -8.33
C GLY D 150 30.78 16.04 -9.66
N ALA D 151 30.29 17.26 -9.62
CA ALA D 151 29.75 17.95 -10.79
C ALA D 151 30.87 18.52 -11.61
N GLN D 152 31.56 17.65 -12.34
CA GLN D 152 32.69 18.11 -13.12
C GLN D 152 32.39 19.39 -13.87
N ASP D 153 31.58 19.30 -14.91
CA ASP D 153 31.17 20.44 -15.73
C ASP D 153 30.98 21.71 -14.89
N LEU D 154 30.34 21.52 -13.74
CA LEU D 154 30.07 22.61 -12.82
C LEU D 154 31.36 23.16 -12.23
N VAL D 155 32.09 22.26 -11.57
CA VAL D 155 33.37 22.58 -10.93
C VAL D 155 34.11 23.48 -11.89
N ASP D 156 34.19 23.07 -13.14
CA ASP D 156 34.86 23.84 -14.17
C ASP D 156 34.34 25.27 -14.31
N ILE D 157 33.03 25.43 -14.49
CA ILE D 157 32.41 26.76 -14.63
C ILE D 157 32.89 27.63 -13.47
N LEU D 158 32.68 27.07 -12.29
CA LEU D 158 33.04 27.65 -11.03
C LEU D 158 34.50 28.08 -10.96
N GLN D 159 35.43 27.20 -11.34
CA GLN D 159 36.87 27.48 -11.32
C GLN D 159 37.18 28.92 -11.69
N GLY D 160 36.47 29.43 -12.68
CA GLY D 160 36.63 30.82 -13.10
C GLY D 160 35.79 31.69 -12.18
#